data_2B7Q
#
_entry.id   2B7Q
#
_cell.length_a   148.855
_cell.length_b   148.855
_cell.length_c   145.662
_cell.angle_alpha   90.00
_cell.angle_beta   90.00
_cell.angle_gamma   90.00
#
_symmetry.space_group_name_H-M   'P 41 21 2'
#
loop_
_entity.id
_entity.type
_entity.pdbx_description
1 polymer 'Probable nicotinate-nucleotide pyrophosphorylase'
2 non-polymer 'NICOTINATE MONONUCLEOTIDE'
3 water water
#
_entity_poly.entity_id   1
_entity_poly.type   'polypeptide(L)'
_entity_poly.pdbx_seq_one_letter_code
;MEIRTFLERALKEDLGHGDLFERVLEKDFKATAFVRAKQEGVFSGEKYALELLEMTGIECVQTIKDKERFKPKDALMEIR
GDFSMLLKVERTLLNLLQHSSGIATLTSRFVEALNSHKVRLLDTRKTRPLLRIFEKYSVLNGGASNHRLGLDDALMLKDT
HLRHVKDLKSFLTHARKNLPFTAKIEIECESFEEAKNAMNAGADIVMCDNLSVLETKEIAAYRDAHYPFVLLEASGNISL
ESINAYAKSGVDAISVGALIHQATFIDMHMKMA
;
_entity_poly.pdbx_strand_id   A,B,C
#
loop_
_chem_comp.id
_chem_comp.type
_chem_comp.name
_chem_comp.formula
NCN non-polymer 'NICOTINATE MONONUCLEOTIDE' 'C11 H14 N O9 P'
#
# COMPACT_ATOMS: atom_id res chain seq x y z
N MET A 1 -6.54 6.01 -9.30
CA MET A 1 -7.07 4.68 -9.75
C MET A 1 -7.59 3.88 -8.58
N GLU A 2 -8.86 3.48 -8.66
CA GLU A 2 -9.48 2.70 -7.59
C GLU A 2 -9.16 1.22 -7.74
N ILE A 3 -8.70 0.84 -8.94
CA ILE A 3 -8.36 -0.54 -9.21
C ILE A 3 -6.86 -0.71 -9.35
N ARG A 4 -6.10 0.35 -9.10
CA ARG A 4 -4.66 0.28 -9.24
C ARG A 4 -4.04 -0.86 -8.44
N THR A 5 -4.47 -1.04 -7.20
CA THR A 5 -3.94 -2.11 -6.37
C THR A 5 -4.40 -3.47 -6.87
N PHE A 6 -5.70 -3.60 -7.12
CA PHE A 6 -6.23 -4.86 -7.63
C PHE A 6 -5.22 -5.48 -8.62
N LEU A 7 -4.80 -4.69 -9.60
CA LEU A 7 -3.83 -5.16 -10.58
C LEU A 7 -2.50 -5.47 -9.88
N GLU A 8 -2.06 -4.52 -9.05
CA GLU A 8 -0.82 -4.64 -8.28
C GLU A 8 -0.73 -6.02 -7.67
N ARG A 9 -1.82 -6.44 -7.01
CA ARG A 9 -1.88 -7.74 -6.37
C ARG A 9 -1.89 -8.89 -7.35
N ALA A 10 -2.70 -8.79 -8.38
CA ALA A 10 -2.79 -9.86 -9.35
C ALA A 10 -1.44 -10.22 -9.96
N LEU A 11 -0.60 -9.21 -10.17
CA LEU A 11 0.71 -9.44 -10.78
C LEU A 11 1.71 -10.14 -9.86
N LYS A 12 1.69 -9.74 -8.59
CA LYS A 12 2.58 -10.29 -7.56
C LYS A 12 2.35 -11.78 -7.30
N GLU A 13 1.10 -12.19 -7.16
CA GLU A 13 0.81 -13.59 -6.89
C GLU A 13 1.42 -14.53 -7.93
N ASP A 14 1.81 -13.98 -9.08
CA ASP A 14 2.37 -14.79 -10.14
C ASP A 14 3.87 -14.58 -10.20
N LEU A 15 4.30 -13.39 -9.82
CA LEU A 15 5.71 -13.06 -9.86
C LEU A 15 6.44 -13.58 -8.62
N GLY A 16 5.72 -13.71 -7.52
CA GLY A 16 6.32 -14.18 -6.28
C GLY A 16 7.71 -13.61 -6.04
N HIS A 17 8.65 -14.50 -5.74
CA HIS A 17 10.03 -14.09 -5.51
C HIS A 17 10.61 -13.27 -6.67
N GLY A 18 10.04 -13.45 -7.85
CA GLY A 18 10.52 -12.73 -9.01
C GLY A 18 10.63 -13.66 -10.20
N ASP A 19 10.11 -13.23 -11.35
CA ASP A 19 10.15 -14.04 -12.56
C ASP A 19 11.52 -14.64 -12.77
N LEU A 20 11.56 -15.89 -13.22
CA LEU A 20 12.81 -16.59 -13.45
C LEU A 20 13.44 -16.30 -14.80
N PHE A 21 12.62 -16.07 -15.82
CA PHE A 21 13.15 -15.82 -17.14
C PHE A 21 14.10 -14.64 -17.21
N GLU A 22 13.76 -13.54 -16.56
CA GLU A 22 14.62 -12.36 -16.61
C GLU A 22 16.04 -12.56 -16.10
N ARG A 23 16.26 -13.61 -15.31
CA ARG A 23 17.59 -13.88 -14.76
C ARG A 23 18.53 -14.36 -15.86
N VAL A 24 18.00 -15.21 -16.73
CA VAL A 24 18.73 -15.82 -17.84
C VAL A 24 18.97 -14.87 -19.02
N LEU A 25 17.92 -14.15 -19.42
CA LEU A 25 17.96 -13.20 -20.52
C LEU A 25 19.22 -12.34 -20.44
N GLU A 26 19.94 -12.20 -21.56
CA GLU A 26 21.16 -11.41 -21.56
C GLU A 26 20.95 -9.96 -21.96
N LYS A 27 20.47 -9.72 -23.18
CA LYS A 27 20.23 -8.35 -23.62
C LYS A 27 18.74 -8.09 -23.83
N ASP A 28 18.16 -7.26 -22.95
CA ASP A 28 16.75 -6.94 -23.04
C ASP A 28 16.52 -5.80 -24.04
N PHE A 29 15.52 -5.99 -24.89
CA PHE A 29 15.17 -5.02 -25.92
C PHE A 29 13.68 -4.74 -25.90
N LYS A 30 13.24 -3.84 -26.77
CA LYS A 30 11.83 -3.48 -26.85
C LYS A 30 11.14 -4.14 -28.04
N ALA A 31 10.19 -5.04 -27.77
CA ALA A 31 9.46 -5.72 -28.82
C ALA A 31 7.97 -5.38 -28.75
N THR A 32 7.15 -6.06 -29.56
CA THR A 32 5.71 -5.80 -29.59
C THR A 32 4.93 -7.11 -29.62
N ALA A 33 3.64 -7.07 -29.29
CA ALA A 33 2.81 -8.28 -29.29
C ALA A 33 1.33 -7.99 -29.41
N PHE A 34 0.57 -9.02 -29.80
CA PHE A 34 -0.88 -8.91 -29.99
C PHE A 34 -1.63 -9.86 -29.08
N VAL A 35 -2.93 -9.64 -28.98
CA VAL A 35 -3.76 -10.47 -28.12
C VAL A 35 -4.90 -11.10 -28.93
N ARG A 36 -4.52 -11.91 -29.92
CA ARG A 36 -5.51 -12.59 -30.76
C ARG A 36 -6.54 -13.37 -29.95
N ALA A 37 -7.73 -13.55 -30.50
CA ALA A 37 -8.77 -14.30 -29.83
C ALA A 37 -8.73 -15.70 -30.43
N LYS A 38 -9.59 -16.59 -29.95
CA LYS A 38 -9.63 -17.95 -30.47
C LYS A 38 -11.02 -18.53 -30.28
N GLN A 39 -12.00 -17.63 -30.17
CA GLN A 39 -13.39 -18.02 -29.96
C GLN A 39 -14.23 -16.74 -29.99
N GLU A 40 -15.06 -16.58 -31.01
CA GLU A 40 -15.90 -15.38 -31.11
C GLU A 40 -16.61 -15.09 -29.77
N GLY A 41 -16.80 -13.81 -29.49
CA GLY A 41 -17.47 -13.41 -28.26
C GLY A 41 -17.35 -11.91 -28.01
N VAL A 42 -17.86 -11.45 -26.88
CA VAL A 42 -17.81 -10.04 -26.53
C VAL A 42 -16.43 -9.75 -25.92
N PHE A 43 -16.25 -8.55 -25.35
CA PHE A 43 -14.97 -8.17 -24.75
C PHE A 43 -15.15 -7.18 -23.60
N SER A 44 -14.68 -7.56 -22.42
CA SER A 44 -14.78 -6.68 -21.24
C SER A 44 -13.44 -6.70 -20.53
N GLY A 45 -13.21 -5.72 -19.67
CA GLY A 45 -11.96 -5.67 -18.95
C GLY A 45 -10.94 -4.78 -19.62
N GLU A 46 -11.43 -3.93 -20.52
CA GLU A 46 -10.54 -3.00 -21.20
C GLU A 46 -9.93 -2.13 -20.10
N LYS A 47 -10.81 -1.44 -19.37
CA LYS A 47 -10.39 -0.55 -18.30
C LYS A 47 -9.18 -1.07 -17.54
N TYR A 48 -9.29 -2.29 -17.02
CA TYR A 48 -8.23 -2.94 -16.24
C TYR A 48 -6.98 -3.12 -17.05
N ALA A 49 -7.15 -3.72 -18.22
CA ALA A 49 -6.03 -4.00 -19.10
C ALA A 49 -5.24 -2.74 -19.34
N LEU A 50 -5.95 -1.64 -19.49
CA LEU A 50 -5.29 -0.37 -19.74
C LEU A 50 -4.45 0.04 -18.54
N GLU A 51 -5.09 0.05 -17.38
CA GLU A 51 -4.45 0.40 -16.13
C GLU A 51 -3.22 -0.47 -15.91
N LEU A 52 -3.43 -1.78 -15.89
CA LEU A 52 -2.33 -2.71 -15.71
C LEU A 52 -1.16 -2.34 -16.61
N LEU A 53 -1.42 -2.26 -17.91
CA LEU A 53 -0.40 -1.92 -18.89
C LEU A 53 0.42 -0.67 -18.63
N GLU A 54 -0.23 0.44 -18.29
CA GLU A 54 0.49 1.69 -18.00
C GLU A 54 1.26 1.53 -16.71
N MET A 55 0.67 0.73 -15.83
CA MET A 55 1.23 0.44 -14.51
C MET A 55 2.52 -0.34 -14.62
N THR A 56 2.66 -1.04 -15.73
CA THR A 56 3.83 -1.88 -15.97
C THR A 56 4.85 -1.31 -16.95
N GLY A 57 4.52 -0.21 -17.60
CA GLY A 57 5.43 0.39 -18.55
C GLY A 57 5.28 -0.24 -19.92
N ILE A 58 4.05 -0.60 -20.24
CA ILE A 58 3.71 -1.21 -21.50
C ILE A 58 2.80 -0.26 -22.25
N GLU A 59 3.20 0.12 -23.45
CA GLU A 59 2.42 1.02 -24.28
C GLU A 59 1.26 0.29 -24.96
N CYS A 60 0.08 0.88 -24.91
CA CYS A 60 -1.08 0.27 -25.53
C CYS A 60 -1.40 0.96 -26.86
N VAL A 61 -0.73 0.52 -27.92
CA VAL A 61 -0.91 1.08 -29.24
C VAL A 61 -2.34 0.96 -29.77
N GLN A 62 -2.85 -0.26 -29.90
CA GLN A 62 -4.22 -0.43 -30.39
C GLN A 62 -5.04 -1.30 -29.43
N THR A 63 -6.30 -0.93 -29.24
CA THR A 63 -7.20 -1.67 -28.37
C THR A 63 -8.60 -1.64 -28.92
N ILE A 64 -9.38 -2.65 -28.57
CA ILE A 64 -10.76 -2.71 -29.00
C ILE A 64 -11.62 -2.40 -27.79
N LYS A 65 -12.30 -1.26 -27.81
CA LYS A 65 -13.16 -0.83 -26.71
C LYS A 65 -14.01 -1.97 -26.13
N ASP A 66 -14.41 -1.82 -24.87
CA ASP A 66 -15.23 -2.84 -24.22
C ASP A 66 -16.52 -3.00 -24.99
N LYS A 67 -17.50 -3.66 -24.39
CA LYS A 67 -18.80 -3.88 -25.02
C LYS A 67 -18.80 -4.27 -26.51
N GLU A 68 -17.63 -4.33 -27.15
CA GLU A 68 -17.56 -4.69 -28.57
C GLU A 68 -17.55 -6.21 -28.82
N ARG A 69 -17.94 -6.62 -30.01
CA ARG A 69 -17.99 -8.03 -30.38
C ARG A 69 -16.82 -8.40 -31.30
N PHE A 70 -16.35 -9.65 -31.20
CA PHE A 70 -15.23 -10.13 -32.03
C PHE A 70 -15.37 -11.58 -32.50
N LYS A 71 -14.52 -11.93 -33.47
CA LYS A 71 -14.51 -13.27 -34.05
C LYS A 71 -13.08 -13.83 -34.02
N PRO A 72 -12.94 -15.16 -33.92
CA PRO A 72 -11.61 -15.76 -33.89
C PRO A 72 -10.60 -15.17 -34.87
N LYS A 73 -9.33 -15.32 -34.52
CA LYS A 73 -8.19 -14.82 -35.29
C LYS A 73 -8.14 -13.29 -35.35
N ASP A 74 -8.88 -12.65 -34.44
CA ASP A 74 -8.96 -11.18 -34.34
C ASP A 74 -7.97 -10.57 -33.36
N ALA A 75 -7.29 -9.50 -33.78
CA ALA A 75 -6.33 -8.80 -32.93
C ALA A 75 -7.07 -7.84 -32.00
N LEU A 76 -6.95 -8.09 -30.70
CA LEU A 76 -7.62 -7.30 -29.69
C LEU A 76 -6.75 -6.23 -29.04
N MET A 77 -5.42 -6.35 -29.18
CA MET A 77 -4.50 -5.36 -28.60
C MET A 77 -3.08 -5.40 -29.13
N GLU A 78 -2.55 -4.26 -29.57
CA GLU A 78 -1.17 -4.18 -30.04
C GLU A 78 -0.39 -3.45 -28.94
N ILE A 79 0.17 -4.21 -28.00
CA ILE A 79 0.94 -3.63 -26.89
C ILE A 79 2.44 -3.68 -27.20
N ARG A 80 3.18 -2.72 -26.68
CA ARG A 80 4.61 -2.70 -26.93
C ARG A 80 5.42 -2.14 -25.77
N GLY A 81 6.43 -2.89 -25.35
CA GLY A 81 7.29 -2.48 -24.26
C GLY A 81 8.51 -3.38 -24.21
N ASP A 82 9.32 -3.28 -23.15
CA ASP A 82 10.49 -4.14 -23.04
C ASP A 82 10.06 -5.59 -23.27
N PHE A 83 10.99 -6.44 -23.67
CA PHE A 83 10.67 -7.84 -23.92
C PHE A 83 10.39 -8.60 -22.62
N SER A 84 11.34 -8.55 -21.69
CA SER A 84 11.19 -9.23 -20.41
C SER A 84 9.85 -8.89 -19.76
N MET A 85 9.61 -7.60 -19.55
CA MET A 85 8.39 -7.13 -18.93
C MET A 85 7.15 -7.60 -19.67
N LEU A 86 7.24 -7.66 -20.99
CA LEU A 86 6.12 -8.10 -21.80
C LEU A 86 5.65 -9.50 -21.42
N LEU A 87 6.61 -10.39 -21.18
CA LEU A 87 6.32 -11.77 -20.82
C LEU A 87 5.75 -11.97 -19.41
N LYS A 88 6.14 -11.09 -18.49
CA LYS A 88 5.68 -11.18 -17.12
C LYS A 88 4.21 -10.81 -17.07
N VAL A 89 3.86 -9.79 -17.83
CA VAL A 89 2.49 -9.32 -17.88
C VAL A 89 1.60 -10.19 -18.76
N GLU A 90 2.22 -10.89 -19.71
CA GLU A 90 1.46 -11.74 -20.62
C GLU A 90 0.26 -12.40 -19.95
N ARG A 91 0.55 -13.34 -19.05
CA ARG A 91 -0.48 -14.11 -18.37
C ARG A 91 -1.51 -13.34 -17.54
N THR A 92 -1.04 -12.50 -16.64
CA THR A 92 -1.97 -11.77 -15.79
C THR A 92 -2.99 -10.98 -16.61
N LEU A 93 -2.59 -10.57 -17.82
CA LEU A 93 -3.44 -9.80 -18.73
C LEU A 93 -4.52 -10.69 -19.34
N LEU A 94 -4.09 -11.74 -20.03
CA LEU A 94 -5.00 -12.68 -20.66
C LEU A 94 -6.02 -13.14 -19.64
N ASN A 95 -5.54 -13.54 -18.47
CA ASN A 95 -6.42 -14.02 -17.45
C ASN A 95 -7.56 -13.05 -17.14
N LEU A 96 -7.25 -11.89 -16.58
CA LEU A 96 -8.30 -10.95 -16.23
C LEU A 96 -9.19 -10.68 -17.44
N LEU A 97 -8.58 -10.67 -18.62
CA LEU A 97 -9.34 -10.42 -19.84
C LEU A 97 -10.32 -11.53 -20.09
N GLN A 98 -9.83 -12.74 -20.30
CA GLN A 98 -10.68 -13.89 -20.54
C GLN A 98 -11.81 -13.98 -19.50
N HIS A 99 -11.48 -13.84 -18.22
CA HIS A 99 -12.53 -13.90 -17.21
C HIS A 99 -13.56 -12.79 -17.38
N SER A 100 -13.12 -11.55 -17.59
CA SER A 100 -14.09 -10.46 -17.75
C SER A 100 -14.89 -10.68 -19.01
N SER A 101 -14.18 -10.92 -20.11
CA SER A 101 -14.79 -11.19 -21.41
C SER A 101 -15.84 -12.30 -21.29
N GLY A 102 -15.42 -13.43 -20.72
CA GLY A 102 -16.32 -14.57 -20.54
C GLY A 102 -17.65 -14.26 -19.88
N ILE A 103 -17.63 -13.58 -18.74
CA ILE A 103 -18.87 -13.24 -18.06
C ILE A 103 -19.65 -12.32 -18.97
N ALA A 104 -18.93 -11.45 -19.67
CA ALA A 104 -19.56 -10.50 -20.59
C ALA A 104 -20.32 -11.24 -21.70
N THR A 105 -19.68 -12.23 -22.30
CA THR A 105 -20.29 -13.00 -23.36
C THR A 105 -21.48 -13.78 -22.82
N LEU A 106 -21.24 -14.67 -21.88
CA LEU A 106 -22.34 -15.44 -21.31
C LEU A 106 -23.48 -14.50 -20.91
N THR A 107 -23.15 -13.25 -20.61
CA THR A 107 -24.17 -12.30 -20.25
C THR A 107 -24.83 -11.79 -21.54
N SER A 108 -24.01 -11.50 -22.54
CA SER A 108 -24.53 -11.05 -23.81
C SER A 108 -25.65 -11.97 -24.24
N ARG A 109 -25.35 -13.26 -24.29
CA ARG A 109 -26.32 -14.27 -24.69
C ARG A 109 -27.63 -14.15 -23.92
N PHE A 110 -27.56 -13.92 -22.62
CA PHE A 110 -28.77 -13.78 -21.83
C PHE A 110 -29.56 -12.55 -22.24
N VAL A 111 -28.89 -11.59 -22.86
CA VAL A 111 -29.54 -10.36 -23.29
C VAL A 111 -30.49 -10.59 -24.45
N GLU A 112 -29.96 -11.07 -25.57
CA GLU A 112 -30.77 -11.35 -26.74
C GLU A 112 -31.89 -12.30 -26.37
N ALA A 113 -31.57 -13.31 -25.58
CA ALA A 113 -32.56 -14.29 -25.16
C ALA A 113 -33.60 -13.68 -24.22
N LEU A 114 -33.54 -12.37 -24.06
CA LEU A 114 -34.49 -11.66 -23.21
C LEU A 114 -35.45 -10.94 -24.14
N ASN A 115 -34.86 -10.25 -25.13
CA ASN A 115 -35.62 -9.47 -26.10
C ASN A 115 -36.62 -8.59 -25.36
N SER A 116 -36.19 -7.36 -25.09
CA SER A 116 -37.03 -6.39 -24.39
C SER A 116 -36.25 -5.11 -24.22
N HIS A 117 -36.96 -4.01 -23.98
CA HIS A 117 -36.34 -2.70 -23.78
C HIS A 117 -36.98 -1.98 -22.59
N LYS A 118 -37.85 -2.69 -21.87
CA LYS A 118 -38.53 -2.14 -20.71
C LYS A 118 -38.29 -2.98 -19.47
N VAL A 119 -37.53 -4.07 -19.63
CA VAL A 119 -37.21 -4.97 -18.52
C VAL A 119 -35.70 -5.01 -18.27
N ARG A 120 -35.31 -4.93 -17.00
CA ARG A 120 -33.90 -4.94 -16.64
C ARG A 120 -33.34 -6.31 -16.24
N LEU A 121 -32.05 -6.49 -16.56
CA LEU A 121 -31.31 -7.71 -16.26
C LEU A 121 -30.39 -7.40 -15.07
N LEU A 122 -30.51 -8.16 -13.99
CA LEU A 122 -29.70 -7.91 -12.81
C LEU A 122 -28.88 -9.11 -12.37
N ASP A 123 -27.84 -8.86 -11.58
CA ASP A 123 -27.02 -9.96 -11.06
C ASP A 123 -27.25 -10.15 -9.56
N THR A 124 -26.24 -10.66 -8.87
CA THR A 124 -26.38 -10.95 -7.44
C THR A 124 -25.05 -10.90 -6.72
N ARG A 125 -25.10 -10.87 -5.40
CA ARG A 125 -23.89 -10.89 -4.59
C ARG A 125 -23.19 -12.25 -4.74
N LYS A 126 -23.68 -13.06 -5.67
CA LYS A 126 -23.06 -14.34 -5.92
C LYS A 126 -21.88 -14.03 -6.83
N THR A 127 -20.75 -13.74 -6.22
CA THR A 127 -19.54 -13.44 -6.97
C THR A 127 -18.36 -14.17 -6.35
N ARG A 128 -17.29 -14.32 -7.12
CA ARG A 128 -16.12 -15.01 -6.63
C ARG A 128 -15.35 -14.14 -5.65
N PRO A 129 -14.80 -14.76 -4.59
CA PRO A 129 -14.05 -13.98 -3.59
C PRO A 129 -13.01 -13.03 -4.18
N LEU A 130 -13.07 -11.78 -3.72
CA LEU A 130 -12.17 -10.71 -4.14
C LEU A 130 -12.45 -10.14 -5.52
N LEU A 131 -13.60 -10.50 -6.10
CA LEU A 131 -13.93 -10.00 -7.43
C LEU A 131 -15.33 -9.39 -7.49
N ARG A 132 -15.84 -8.95 -6.34
CA ARG A 132 -17.16 -8.35 -6.25
C ARG A 132 -17.37 -7.26 -7.30
N ILE A 133 -16.31 -6.50 -7.52
CA ILE A 133 -16.37 -5.43 -8.49
C ILE A 133 -15.92 -5.86 -9.85
N PHE A 134 -14.72 -6.44 -9.93
CA PHE A 134 -14.22 -6.90 -11.21
C PHE A 134 -15.26 -7.63 -12.03
N GLU A 135 -16.16 -8.31 -11.35
CA GLU A 135 -17.17 -9.08 -12.06
C GLU A 135 -18.38 -8.25 -12.44
N LYS A 136 -19.02 -7.60 -11.47
CA LYS A 136 -20.18 -6.76 -11.76
C LYS A 136 -19.90 -5.89 -13.01
N TYR A 137 -18.69 -5.35 -13.09
CA TYR A 137 -18.28 -4.53 -14.22
C TYR A 137 -18.38 -5.36 -15.48
N SER A 138 -18.11 -6.65 -15.34
CA SER A 138 -18.19 -7.55 -16.48
C SER A 138 -19.66 -7.77 -16.82
N VAL A 139 -20.47 -8.11 -15.82
CA VAL A 139 -21.88 -8.29 -16.05
C VAL A 139 -22.39 -7.08 -16.82
N LEU A 140 -21.81 -5.92 -16.57
CA LEU A 140 -22.23 -4.68 -17.23
C LEU A 140 -21.90 -4.65 -18.71
N ASN A 141 -20.62 -4.80 -19.03
CA ASN A 141 -20.15 -4.78 -20.40
C ASN A 141 -20.77 -5.89 -21.26
N GLY A 142 -21.90 -6.39 -20.81
CA GLY A 142 -22.61 -7.42 -21.54
C GLY A 142 -23.93 -6.84 -22.02
N GLY A 143 -24.49 -5.95 -21.21
CA GLY A 143 -25.73 -5.32 -21.58
C GLY A 143 -26.71 -5.35 -20.42
N ALA A 144 -26.30 -5.95 -19.31
CA ALA A 144 -27.18 -6.01 -18.17
C ALA A 144 -26.88 -4.85 -17.24
N SER A 145 -27.75 -4.66 -16.25
CA SER A 145 -27.56 -3.62 -15.27
C SER A 145 -27.03 -4.37 -14.05
N ASN A 146 -26.53 -3.66 -13.05
CA ASN A 146 -26.01 -4.33 -11.86
C ASN A 146 -27.02 -4.12 -10.75
N HIS A 147 -27.17 -5.12 -9.87
CA HIS A 147 -28.09 -4.98 -8.74
C HIS A 147 -27.28 -4.28 -7.65
N ARG A 148 -27.54 -4.54 -6.37
CA ARG A 148 -26.74 -3.88 -5.34
C ARG A 148 -25.34 -4.44 -5.36
N LEU A 149 -24.34 -3.61 -5.06
CA LEU A 149 -22.95 -4.06 -5.05
C LEU A 149 -22.49 -4.64 -3.72
N GLY A 150 -23.15 -4.25 -2.62
CA GLY A 150 -22.78 -4.77 -1.32
C GLY A 150 -23.93 -4.80 -0.33
N LEU A 151 -23.63 -4.85 0.97
CA LEU A 151 -24.64 -4.90 2.00
C LEU A 151 -24.81 -3.55 2.68
N ASP A 152 -24.15 -2.54 2.14
CA ASP A 152 -24.21 -1.16 2.66
C ASP A 152 -24.90 -0.33 1.58
N ASP A 153 -24.99 -0.95 0.41
CA ASP A 153 -25.56 -0.40 -0.80
C ASP A 153 -27.07 -0.12 -0.71
N ALA A 154 -27.80 -1.05 -0.11
CA ALA A 154 -29.25 -0.94 0.03
C ALA A 154 -29.80 -2.08 0.88
N LEU A 155 -30.44 -1.74 1.99
CA LEU A 155 -31.00 -2.72 2.92
C LEU A 155 -32.01 -3.62 2.24
N MET A 156 -31.62 -4.87 2.02
CA MET A 156 -32.50 -5.83 1.39
C MET A 156 -32.55 -7.09 2.24
N LEU A 157 -33.76 -7.48 2.62
CA LEU A 157 -33.95 -8.64 3.49
C LEU A 157 -34.89 -9.72 2.97
N LYS A 158 -35.00 -10.79 3.75
CA LYS A 158 -35.85 -11.93 3.44
C LYS A 158 -36.32 -12.59 4.73
N ASP A 159 -37.08 -13.68 4.60
CA ASP A 159 -37.62 -14.39 5.75
C ASP A 159 -36.64 -14.45 6.93
N THR A 160 -35.45 -14.96 6.68
CA THR A 160 -34.41 -15.09 7.71
C THR A 160 -34.35 -13.94 8.71
N HIS A 161 -34.58 -12.72 8.23
CA HIS A 161 -34.55 -11.53 9.08
C HIS A 161 -35.85 -11.31 9.86
N LEU A 162 -36.97 -11.67 9.25
CA LEU A 162 -38.29 -11.48 9.84
C LEU A 162 -38.89 -12.66 10.61
N ARG A 163 -38.20 -13.79 10.63
CA ARG A 163 -38.73 -14.97 11.33
C ARG A 163 -38.81 -14.73 12.85
N HIS A 164 -38.70 -13.48 13.26
CA HIS A 164 -38.76 -13.12 14.68
C HIS A 164 -39.34 -11.72 14.88
N VAL A 165 -40.10 -11.24 13.90
CA VAL A 165 -40.70 -9.91 13.99
C VAL A 165 -42.21 -9.90 13.98
N LYS A 166 -42.78 -8.92 14.67
CA LYS A 166 -44.22 -8.77 14.76
C LYS A 166 -44.55 -7.39 14.19
N ASP A 167 -45.50 -7.33 13.26
CA ASP A 167 -45.92 -6.07 12.62
C ASP A 167 -44.83 -5.60 11.65
N LEU A 168 -44.94 -5.99 10.38
CA LEU A 168 -43.94 -5.61 9.38
C LEU A 168 -43.97 -4.12 9.13
N LYS A 169 -45.15 -3.61 8.75
CA LYS A 169 -45.34 -2.18 8.48
C LYS A 169 -44.61 -1.33 9.50
N SER A 170 -44.91 -1.57 10.77
CA SER A 170 -44.28 -0.81 11.84
C SER A 170 -42.78 -1.02 11.90
N PHE A 171 -42.31 -2.12 11.34
CA PHE A 171 -40.87 -2.42 11.35
C PHE A 171 -40.11 -1.57 10.36
N LEU A 172 -40.55 -1.60 9.10
CA LEU A 172 -39.91 -0.85 8.03
C LEU A 172 -39.87 0.65 8.33
N THR A 173 -40.56 1.09 9.37
CA THR A 173 -40.57 2.50 9.74
C THR A 173 -39.51 2.84 10.77
N HIS A 174 -39.26 1.90 11.69
CA HIS A 174 -38.25 2.09 12.73
C HIS A 174 -36.88 1.80 12.16
N ALA A 175 -36.85 1.50 10.87
CA ALA A 175 -35.61 1.22 10.16
C ALA A 175 -35.22 2.51 9.49
N ARG A 176 -36.15 3.06 8.72
CA ARG A 176 -35.95 4.31 8.00
C ARG A 176 -35.16 5.33 8.81
N LYS A 177 -35.48 5.48 10.09
CA LYS A 177 -34.78 6.46 10.91
C LYS A 177 -33.42 5.95 11.39
N ASN A 178 -33.23 4.63 11.35
CA ASN A 178 -31.96 4.02 11.76
C ASN A 178 -31.21 3.45 10.55
N LEU A 179 -31.30 4.14 9.43
CA LEU A 179 -30.65 3.77 8.18
C LEU A 179 -30.16 5.04 7.50
N PRO A 180 -29.51 4.89 6.34
CA PRO A 180 -29.05 6.08 5.64
C PRO A 180 -30.25 6.59 4.83
N PHE A 181 -30.47 7.89 4.87
CA PHE A 181 -31.60 8.54 4.18
C PHE A 181 -31.90 8.13 2.74
N THR A 182 -30.87 7.82 1.96
CA THR A 182 -31.09 7.48 0.57
C THR A 182 -31.15 5.98 0.30
N ALA A 183 -31.53 5.20 1.30
CA ALA A 183 -31.57 3.75 1.15
C ALA A 183 -32.96 3.15 1.02
N LYS A 184 -33.14 2.36 -0.04
CA LYS A 184 -34.41 1.70 -0.30
C LYS A 184 -34.46 0.39 0.50
N ILE A 185 -35.64 -0.19 0.67
CA ILE A 185 -35.76 -1.45 1.39
C ILE A 185 -36.43 -2.50 0.50
N GLU A 186 -35.65 -3.37 -0.11
CA GLU A 186 -36.19 -4.42 -0.96
C GLU A 186 -36.47 -5.68 -0.16
N ILE A 187 -37.55 -6.40 -0.48
CA ILE A 187 -37.87 -7.61 0.27
C ILE A 187 -38.08 -8.85 -0.60
N GLU A 188 -37.63 -10.00 -0.11
CA GLU A 188 -37.79 -11.25 -0.84
C GLU A 188 -39.11 -11.89 -0.48
N CYS A 189 -39.79 -12.46 -1.47
CA CYS A 189 -41.07 -13.12 -1.24
C CYS A 189 -41.23 -14.43 -2.03
N GLU A 190 -41.78 -15.44 -1.36
CA GLU A 190 -41.98 -16.78 -1.92
C GLU A 190 -43.42 -17.15 -2.28
N SER A 191 -44.38 -16.27 -1.97
CA SER A 191 -45.78 -16.53 -2.27
C SER A 191 -46.58 -15.24 -2.47
N PHE A 192 -47.69 -15.34 -3.21
CA PHE A 192 -48.52 -14.19 -3.48
C PHE A 192 -48.77 -13.41 -2.17
N GLU A 193 -49.45 -14.06 -1.23
CA GLU A 193 -49.78 -13.45 0.06
C GLU A 193 -48.69 -12.60 0.69
N GLU A 194 -47.43 -12.92 0.41
CA GLU A 194 -46.33 -12.14 0.98
C GLU A 194 -46.21 -10.77 0.32
N ALA A 195 -46.13 -10.75 -1.01
CA ALA A 195 -46.01 -9.50 -1.75
C ALA A 195 -46.92 -8.41 -1.22
N LYS A 196 -48.07 -8.80 -0.69
CA LYS A 196 -49.04 -7.85 -0.15
C LYS A 196 -48.53 -7.26 1.17
N ASN A 197 -48.36 -8.11 2.19
CA ASN A 197 -47.88 -7.64 3.49
C ASN A 197 -46.71 -6.71 3.20
N ALA A 198 -45.94 -7.06 2.16
CA ALA A 198 -44.79 -6.27 1.76
C ALA A 198 -45.21 -4.86 1.42
N MET A 199 -45.53 -4.62 0.15
CA MET A 199 -45.95 -3.31 -0.33
C MET A 199 -46.61 -2.51 0.78
N ASN A 200 -47.70 -3.04 1.32
CA ASN A 200 -48.44 -2.41 2.39
C ASN A 200 -47.51 -1.78 3.44
N ALA A 201 -46.55 -2.57 3.93
CA ALA A 201 -45.61 -2.11 4.95
C ALA A 201 -44.71 -0.96 4.48
N GLY A 202 -44.47 -0.88 3.17
CA GLY A 202 -43.62 0.17 2.64
C GLY A 202 -42.67 -0.30 1.56
N ALA A 203 -42.06 -1.45 1.78
CA ALA A 203 -41.10 -2.05 0.84
C ALA A 203 -40.90 -1.24 -0.45
N ASP A 204 -39.71 -0.70 -0.63
CA ASP A 204 -39.40 0.08 -1.82
C ASP A 204 -39.28 -0.83 -3.04
N ILE A 205 -39.04 -2.10 -2.79
CA ILE A 205 -38.91 -3.09 -3.85
C ILE A 205 -39.40 -4.46 -3.37
N VAL A 206 -39.89 -5.27 -4.28
CA VAL A 206 -40.37 -6.60 -3.94
C VAL A 206 -39.85 -7.64 -4.94
N MET A 207 -39.19 -8.66 -4.42
CA MET A 207 -38.65 -9.71 -5.26
C MET A 207 -39.64 -10.87 -5.32
N CYS A 208 -39.34 -11.84 -6.19
CA CYS A 208 -40.19 -13.01 -6.37
C CYS A 208 -39.31 -14.26 -6.48
N ASP A 209 -39.13 -14.96 -5.35
CA ASP A 209 -38.29 -16.15 -5.30
C ASP A 209 -38.98 -17.45 -5.73
N ASN A 210 -38.44 -18.08 -6.79
CA ASN A 210 -38.96 -19.34 -7.30
C ASN A 210 -40.48 -19.38 -7.40
N LEU A 211 -41.02 -18.58 -8.33
CA LEU A 211 -42.46 -18.53 -8.55
C LEU A 211 -42.81 -18.49 -10.05
N SER A 212 -43.81 -19.27 -10.44
CA SER A 212 -44.24 -19.37 -11.83
C SER A 212 -44.96 -18.14 -12.37
N VAL A 213 -44.88 -17.96 -13.68
CA VAL A 213 -45.48 -16.84 -14.37
C VAL A 213 -46.80 -16.36 -13.77
N LEU A 214 -47.78 -17.26 -13.70
CA LEU A 214 -49.09 -16.90 -13.17
C LEU A 214 -49.07 -16.50 -11.69
N GLU A 215 -48.06 -16.98 -10.97
CA GLU A 215 -47.93 -16.66 -9.56
C GLU A 215 -47.50 -15.21 -9.42
N THR A 216 -46.60 -14.81 -10.32
CA THR A 216 -46.07 -13.44 -10.34
C THR A 216 -47.09 -12.43 -10.83
N LYS A 217 -47.69 -12.71 -11.98
CA LYS A 217 -48.67 -11.82 -12.58
C LYS A 217 -49.74 -11.37 -11.59
N GLU A 218 -50.11 -12.24 -10.64
CA GLU A 218 -51.11 -11.87 -9.65
C GLU A 218 -50.59 -10.68 -8.85
N ILE A 219 -49.28 -10.67 -8.62
CA ILE A 219 -48.63 -9.59 -7.88
C ILE A 219 -48.38 -8.42 -8.83
N ALA A 220 -47.84 -8.71 -10.01
CA ALA A 220 -47.57 -7.70 -11.02
C ALA A 220 -48.88 -6.96 -11.24
N ALA A 221 -49.98 -7.67 -11.02
CA ALA A 221 -51.32 -7.13 -11.18
C ALA A 221 -51.66 -6.28 -9.95
N TYR A 222 -51.69 -6.93 -8.79
CA TYR A 222 -52.00 -6.24 -7.55
C TYR A 222 -51.09 -5.04 -7.35
N ARG A 223 -50.02 -4.99 -8.14
CA ARG A 223 -49.08 -3.89 -8.06
C ARG A 223 -49.64 -2.74 -8.90
N ASP A 224 -49.82 -2.99 -10.19
CA ASP A 224 -50.36 -1.95 -11.06
C ASP A 224 -51.65 -1.44 -10.41
N ALA A 225 -52.19 -2.26 -9.51
CA ALA A 225 -53.41 -1.94 -8.79
C ALA A 225 -53.29 -0.72 -7.87
N HIS A 226 -52.84 -0.95 -6.64
CA HIS A 226 -52.70 0.11 -5.64
C HIS A 226 -51.29 0.70 -5.50
N TYR A 227 -50.29 -0.15 -5.34
CA TYR A 227 -48.91 0.31 -5.19
C TYR A 227 -48.18 0.27 -6.52
N PRO A 228 -48.15 1.41 -7.23
CA PRO A 228 -47.50 1.53 -8.54
C PRO A 228 -46.00 1.79 -8.49
N PHE A 229 -45.60 2.72 -7.63
CA PHE A 229 -44.20 3.08 -7.51
C PHE A 229 -43.43 2.16 -6.57
N VAL A 230 -43.48 0.88 -6.88
CA VAL A 230 -42.81 -0.17 -6.13
C VAL A 230 -42.26 -1.16 -7.15
N LEU A 231 -41.01 -1.01 -7.53
CA LEU A 231 -40.40 -1.91 -8.51
C LEU A 231 -40.67 -3.36 -8.18
N LEU A 232 -40.58 -4.21 -9.20
CA LEU A 232 -40.79 -5.64 -9.03
C LEU A 232 -39.64 -6.43 -9.63
N GLU A 233 -39.19 -7.44 -8.88
CA GLU A 233 -38.07 -8.26 -9.31
C GLU A 233 -38.33 -9.75 -9.43
N ALA A 234 -38.09 -10.29 -10.62
CA ALA A 234 -38.27 -11.70 -10.87
C ALA A 234 -36.91 -12.33 -10.60
N SER A 235 -36.83 -13.15 -9.56
CA SER A 235 -35.56 -13.80 -9.20
C SER A 235 -35.78 -15.17 -8.58
N GLY A 236 -35.40 -16.22 -9.32
CA GLY A 236 -35.57 -17.56 -8.79
C GLY A 236 -34.46 -18.48 -9.22
N ASN A 237 -34.45 -18.77 -10.52
CA ASN A 237 -33.43 -19.63 -11.11
C ASN A 237 -33.25 -19.04 -12.49
N ILE A 238 -34.36 -18.68 -13.09
CA ILE A 238 -34.40 -18.06 -14.41
C ILE A 238 -33.42 -18.64 -15.42
N SER A 239 -33.71 -19.85 -15.90
CA SER A 239 -32.85 -20.51 -16.87
C SER A 239 -32.74 -19.65 -18.11
N LEU A 240 -31.73 -19.94 -18.93
CA LEU A 240 -31.52 -19.18 -20.15
C LEU A 240 -32.79 -19.19 -21.00
N GLU A 241 -33.60 -20.24 -20.84
CA GLU A 241 -34.84 -20.38 -21.60
C GLU A 241 -36.08 -19.78 -20.92
N SER A 242 -36.34 -20.22 -19.70
CA SER A 242 -37.50 -19.70 -18.96
C SER A 242 -37.32 -18.23 -18.63
N ILE A 243 -36.31 -17.60 -19.21
CA ILE A 243 -36.05 -16.19 -18.95
C ILE A 243 -37.01 -15.30 -19.73
N ASN A 244 -37.18 -15.59 -21.02
CA ASN A 244 -38.06 -14.79 -21.86
C ASN A 244 -39.49 -14.80 -21.34
N ALA A 245 -39.92 -15.94 -20.83
CA ALA A 245 -41.27 -16.09 -20.30
C ALA A 245 -41.59 -15.09 -19.20
N TYR A 246 -40.61 -14.79 -18.35
CA TYR A 246 -40.81 -13.85 -17.24
C TYR A 246 -40.81 -12.40 -17.68
N ALA A 247 -40.12 -12.10 -18.77
CA ALA A 247 -40.08 -10.73 -19.27
C ALA A 247 -41.50 -10.25 -19.45
N LYS A 248 -42.37 -11.20 -19.78
CA LYS A 248 -43.78 -10.94 -20.01
C LYS A 248 -44.64 -10.89 -18.75
N SER A 249 -44.09 -11.30 -17.61
CA SER A 249 -44.86 -11.27 -16.37
C SER A 249 -45.16 -9.83 -15.98
N GLY A 250 -44.75 -8.91 -16.86
CA GLY A 250 -44.97 -7.50 -16.61
C GLY A 250 -44.25 -7.05 -15.34
N VAL A 251 -43.01 -7.47 -15.21
CA VAL A 251 -42.19 -7.14 -14.04
C VAL A 251 -41.00 -6.28 -14.48
N ASP A 252 -40.68 -5.25 -13.69
CA ASP A 252 -39.59 -4.32 -14.00
C ASP A 252 -38.26 -4.94 -14.39
N ALA A 253 -37.70 -5.75 -13.50
CA ALA A 253 -36.42 -6.40 -13.75
C ALA A 253 -36.35 -7.84 -13.22
N ILE A 254 -35.51 -8.63 -13.86
CA ILE A 254 -35.32 -10.03 -13.48
C ILE A 254 -33.84 -10.21 -13.18
N SER A 255 -33.53 -10.80 -12.02
CA SER A 255 -32.15 -11.02 -11.62
C SER A 255 -31.67 -12.47 -11.74
N VAL A 256 -30.74 -12.68 -12.67
CA VAL A 256 -30.20 -14.01 -12.91
C VAL A 256 -28.72 -14.06 -12.51
N GLY A 257 -28.48 -14.33 -11.24
CA GLY A 257 -27.12 -14.41 -10.74
C GLY A 257 -26.28 -15.39 -11.55
N ALA A 258 -26.92 -16.39 -12.11
CA ALA A 258 -26.20 -17.37 -12.91
C ALA A 258 -25.27 -16.70 -13.91
N LEU A 259 -25.54 -15.44 -14.22
CA LEU A 259 -24.73 -14.65 -15.16
C LEU A 259 -23.25 -14.69 -14.82
N ILE A 260 -22.96 -14.69 -13.52
CA ILE A 260 -21.58 -14.68 -13.02
C ILE A 260 -21.01 -16.06 -12.65
N HIS A 261 -21.74 -16.79 -11.82
CA HIS A 261 -21.28 -18.11 -11.40
C HIS A 261 -21.68 -19.19 -12.39
N GLN A 262 -21.26 -19.03 -13.64
CA GLN A 262 -21.58 -19.99 -14.67
C GLN A 262 -20.81 -19.63 -15.92
N ALA A 263 -20.03 -18.55 -15.84
CA ALA A 263 -19.29 -18.08 -16.99
C ALA A 263 -17.85 -18.55 -17.05
N THR A 264 -17.52 -19.44 -17.96
CA THR A 264 -16.13 -19.89 -18.05
C THR A 264 -15.35 -18.87 -18.89
N PHE A 265 -14.03 -19.06 -18.99
CA PHE A 265 -13.19 -18.16 -19.77
C PHE A 265 -13.60 -18.15 -21.23
N ILE A 266 -12.74 -17.53 -22.04
CA ILE A 266 -12.93 -17.44 -23.48
C ILE A 266 -11.54 -17.49 -24.07
N ASP A 267 -11.29 -18.46 -24.93
CA ASP A 267 -9.96 -18.63 -25.50
C ASP A 267 -9.34 -17.35 -26.06
N MET A 268 -8.08 -17.13 -25.68
CA MET A 268 -7.30 -15.98 -26.12
C MET A 268 -5.85 -16.36 -25.89
N HIS A 269 -4.92 -15.67 -26.55
CA HIS A 269 -3.51 -15.94 -26.34
C HIS A 269 -2.67 -14.76 -26.84
N MET A 270 -1.38 -14.80 -26.55
CA MET A 270 -0.51 -13.71 -26.97
C MET A 270 0.68 -14.17 -27.80
N LYS A 271 0.91 -13.50 -28.93
CA LYS A 271 2.00 -13.85 -29.82
C LYS A 271 2.92 -12.65 -30.08
N MET A 272 4.22 -12.88 -29.94
CA MET A 272 5.24 -11.84 -30.15
C MET A 272 5.29 -11.33 -31.59
N ALA A 273 6.51 -11.18 -32.11
CA ALA A 273 6.75 -10.70 -33.47
C ALA A 273 6.69 -9.17 -33.51
N MET B 1 6.06 -3.22 -10.99
CA MET B 1 7.25 -3.04 -10.08
C MET B 1 7.10 -3.84 -8.78
N GLU B 2 8.22 -4.39 -8.30
CA GLU B 2 8.22 -5.21 -7.10
C GLU B 2 9.00 -4.61 -5.91
N ILE B 3 10.04 -3.85 -6.19
CA ILE B 3 10.85 -3.24 -5.13
C ILE B 3 10.42 -1.84 -4.75
N ARG B 4 9.28 -1.41 -5.25
CA ARG B 4 8.80 -0.07 -4.91
C ARG B 4 8.56 -0.05 -3.40
N THR B 5 7.58 -0.84 -2.96
CA THR B 5 7.20 -0.93 -1.55
C THR B 5 8.35 -1.23 -0.59
N PHE B 6 9.38 -1.90 -1.07
CA PHE B 6 10.53 -2.19 -0.24
C PHE B 6 11.12 -0.82 0.09
N LEU B 7 11.59 -0.13 -0.95
CA LEU B 7 12.17 1.20 -0.84
C LEU B 7 11.26 2.12 -0.06
N GLU B 8 9.97 2.09 -0.40
CA GLU B 8 8.97 2.92 0.26
C GLU B 8 9.10 2.78 1.78
N ARG B 9 9.17 1.55 2.27
CA ARG B 9 9.27 1.31 3.71
C ARG B 9 10.62 1.66 4.28
N ALA B 10 11.66 1.54 3.49
CA ALA B 10 13.01 1.88 3.96
C ALA B 10 13.12 3.37 4.24
N LEU B 11 12.25 4.14 3.58
CA LEU B 11 12.24 5.57 3.74
C LEU B 11 11.37 5.97 4.90
N LYS B 12 10.16 5.44 4.90
CA LYS B 12 9.19 5.70 5.94
C LYS B 12 9.77 5.56 7.34
N GLU B 13 10.64 4.58 7.53
CA GLU B 13 11.25 4.33 8.84
C GLU B 13 12.22 5.40 9.32
N ASP B 14 12.92 6.02 8.39
CA ASP B 14 13.90 7.04 8.72
C ASP B 14 13.26 8.40 8.89
N LEU B 15 12.21 8.69 8.12
CA LEU B 15 11.57 10.01 8.23
C LEU B 15 10.60 10.11 9.38
N GLY B 16 9.97 9.00 9.72
CA GLY B 16 9.03 9.02 10.83
C GLY B 16 7.96 10.08 10.64
N HIS B 17 7.78 10.94 11.63
CA HIS B 17 6.78 11.99 11.55
C HIS B 17 7.11 12.98 10.44
N GLY B 18 8.33 12.94 9.94
CA GLY B 18 8.69 13.85 8.86
C GLY B 18 10.03 14.50 9.10
N ASP B 19 10.78 14.78 8.03
CA ASP B 19 12.10 15.40 8.17
C ASP B 19 12.00 16.76 8.86
N LEU B 20 12.97 17.05 9.72
CA LEU B 20 12.97 18.31 10.46
C LEU B 20 13.67 19.44 9.77
N PHE B 21 14.67 19.10 8.96
CA PHE B 21 15.44 20.09 8.25
C PHE B 21 14.60 20.84 7.24
N GLU B 22 13.82 20.13 6.45
CA GLU B 22 12.98 20.80 5.48
C GLU B 22 12.07 21.81 6.18
N ARG B 23 11.96 21.72 7.50
CA ARG B 23 11.14 22.67 8.25
C ARG B 23 11.88 23.99 8.41
N VAL B 24 13.21 23.91 8.60
CA VAL B 24 14.04 25.09 8.78
C VAL B 24 14.74 25.62 7.53
N LEU B 25 14.79 24.80 6.49
CA LEU B 25 15.40 25.18 5.22
C LEU B 25 14.57 26.35 4.69
N GLU B 26 15.22 27.47 4.37
CA GLU B 26 14.50 28.66 3.88
C GLU B 26 14.20 28.66 2.40
N LYS B 27 15.21 28.41 1.57
CA LYS B 27 14.99 28.38 0.14
C LYS B 27 15.56 27.08 -0.38
N ASP B 28 14.70 26.23 -0.92
CA ASP B 28 15.16 24.95 -1.47
C ASP B 28 15.72 25.26 -2.87
N PHE B 29 16.64 24.44 -3.35
CA PHE B 29 17.23 24.69 -4.66
C PHE B 29 17.76 23.41 -5.29
N LYS B 30 17.87 23.39 -6.61
CA LYS B 30 18.38 22.19 -7.29
C LYS B 30 19.89 22.14 -7.17
N ALA B 31 20.41 21.03 -6.69
CA ALA B 31 21.86 20.85 -6.52
C ALA B 31 22.29 19.47 -6.99
N THR B 32 23.59 19.28 -7.17
CA THR B 32 24.11 17.99 -7.61
C THR B 32 24.99 17.40 -6.53
N ALA B 33 25.03 16.08 -6.45
CA ALA B 33 25.85 15.38 -5.45
C ALA B 33 26.30 14.02 -5.96
N PHE B 34 27.40 13.52 -5.39
CA PHE B 34 27.94 12.22 -5.76
C PHE B 34 28.10 11.33 -4.54
N VAL B 35 28.01 10.03 -4.79
CA VAL B 35 28.18 9.02 -3.75
C VAL B 35 29.60 8.55 -4.07
N ARG B 36 30.44 8.41 -3.05
CA ARG B 36 31.81 7.99 -3.31
C ARG B 36 32.35 6.91 -2.41
N ALA B 37 33.27 6.11 -2.97
CA ALA B 37 33.90 5.04 -2.24
C ALA B 37 34.89 5.63 -1.23
N LYS B 38 35.30 4.82 -0.27
CA LYS B 38 36.25 5.21 0.77
C LYS B 38 36.97 3.93 1.14
N GLN B 39 36.85 2.96 0.26
CA GLN B 39 37.43 1.64 0.46
C GLN B 39 37.12 0.90 -0.83
N GLU B 40 37.94 -0.07 -1.19
CA GLU B 40 37.73 -0.82 -2.42
C GLU B 40 36.63 -1.89 -2.30
N GLY B 41 36.04 -2.28 -3.43
CA GLY B 41 35.01 -3.30 -3.39
C GLY B 41 34.29 -3.54 -4.71
N VAL B 42 33.30 -4.44 -4.71
CA VAL B 42 32.54 -4.70 -5.92
C VAL B 42 31.16 -4.09 -5.71
N PHE B 43 30.68 -3.38 -6.72
CA PHE B 43 29.40 -2.67 -6.65
C PHE B 43 28.11 -3.46 -6.83
N SER B 44 27.20 -3.27 -5.86
CA SER B 44 25.88 -3.90 -5.88
C SER B 44 24.86 -2.93 -5.35
N GLY B 45 23.66 -2.99 -5.89
CA GLY B 45 22.61 -2.10 -5.44
C GLY B 45 22.00 -1.19 -6.48
N GLU B 46 22.61 -1.11 -7.66
CA GLU B 46 22.10 -0.25 -8.70
C GLU B 46 20.58 -0.40 -8.81
N LYS B 47 20.12 -1.60 -9.13
CA LYS B 47 18.69 -1.88 -9.27
C LYS B 47 17.89 -1.13 -8.20
N TYR B 48 18.23 -1.34 -6.94
CA TYR B 48 17.53 -0.69 -5.84
C TYR B 48 17.67 0.83 -5.85
N ALA B 49 18.91 1.31 -5.95
CA ALA B 49 19.18 2.75 -5.94
C ALA B 49 18.46 3.56 -7.01
N LEU B 50 18.63 3.17 -8.28
CA LEU B 50 17.99 3.89 -9.37
C LEU B 50 16.50 4.01 -9.12
N GLU B 51 15.92 2.94 -8.57
CA GLU B 51 14.50 2.93 -8.28
C GLU B 51 14.17 3.86 -7.13
N LEU B 52 15.09 4.04 -6.20
CA LEU B 52 14.85 4.93 -5.07
C LEU B 52 14.82 6.34 -5.60
N LEU B 53 15.89 6.69 -6.30
CA LEU B 53 16.04 8.01 -6.90
C LEU B 53 14.84 8.41 -7.75
N GLU B 54 14.68 7.75 -8.89
CA GLU B 54 13.56 8.04 -9.80
C GLU B 54 12.23 7.99 -9.07
N MET B 55 12.25 7.47 -7.85
CA MET B 55 11.03 7.35 -7.08
C MET B 55 10.77 8.63 -6.32
N THR B 56 11.85 9.22 -5.82
CA THR B 56 11.77 10.45 -5.04
C THR B 56 11.81 11.72 -5.87
N GLY B 57 12.11 11.58 -7.15
CA GLY B 57 12.15 12.74 -8.01
C GLY B 57 13.55 13.27 -8.22
N ILE B 58 14.53 12.41 -8.03
CA ILE B 58 15.90 12.82 -8.22
C ILE B 58 16.41 12.26 -9.53
N GLU B 59 17.10 13.10 -10.30
CA GLU B 59 17.64 12.66 -11.58
C GLU B 59 18.96 11.97 -11.33
N CYS B 60 19.21 10.92 -12.10
CA CYS B 60 20.45 10.19 -11.98
C CYS B 60 21.31 10.60 -13.16
N VAL B 61 22.49 11.17 -12.91
CA VAL B 61 23.33 11.58 -14.02
C VAL B 61 24.25 10.45 -14.52
N GLN B 62 24.95 9.78 -13.61
CA GLN B 62 25.84 8.69 -14.02
C GLN B 62 25.86 7.61 -12.94
N THR B 63 26.05 6.35 -13.34
CA THR B 63 26.10 5.24 -12.38
C THR B 63 26.93 4.06 -12.81
N ILE B 64 27.69 3.49 -11.88
CA ILE B 64 28.53 2.32 -12.16
C ILE B 64 27.61 1.11 -12.08
N LYS B 65 27.43 0.39 -13.17
CA LYS B 65 26.54 -0.76 -13.13
C LYS B 65 26.95 -1.76 -12.04
N ASP B 66 26.09 -2.73 -11.77
CA ASP B 66 26.38 -3.75 -10.74
C ASP B 66 27.49 -4.69 -11.19
N LYS B 67 28.15 -5.29 -10.20
CA LYS B 67 29.24 -6.24 -10.40
C LYS B 67 30.56 -5.54 -10.70
N GLU B 68 30.52 -4.28 -11.10
CA GLU B 68 31.75 -3.56 -11.41
C GLU B 68 32.66 -3.40 -10.20
N ARG B 69 33.95 -3.25 -10.45
CA ARG B 69 34.93 -3.08 -9.38
C ARG B 69 35.25 -1.60 -9.18
N PHE B 70 35.53 -1.19 -7.94
CA PHE B 70 35.86 0.20 -7.68
C PHE B 70 36.88 0.41 -6.55
N LYS B 71 37.79 1.37 -6.74
CA LYS B 71 38.85 1.70 -5.76
C LYS B 71 38.38 2.89 -4.91
N PRO B 72 39.05 3.15 -3.78
CA PRO B 72 38.63 4.29 -2.94
C PRO B 72 38.83 5.64 -3.63
N LYS B 73 38.09 6.64 -3.19
CA LYS B 73 38.15 7.97 -3.77
C LYS B 73 37.43 7.98 -5.13
N ASP B 74 37.02 6.81 -5.60
CA ASP B 74 36.29 6.70 -6.87
C ASP B 74 34.87 7.25 -6.71
N ALA B 75 34.40 7.98 -7.72
CA ALA B 75 33.05 8.53 -7.69
C ALA B 75 32.11 7.43 -8.21
N LEU B 76 31.13 7.04 -7.41
CA LEU B 76 30.22 5.97 -7.80
C LEU B 76 28.90 6.43 -8.44
N MET B 77 28.34 7.55 -7.99
CA MET B 77 27.10 8.05 -8.59
C MET B 77 27.00 9.57 -8.60
N GLU B 78 26.38 10.12 -9.64
CA GLU B 78 26.18 11.56 -9.72
C GLU B 78 24.68 11.76 -9.75
N ILE B 79 24.16 12.58 -8.84
CA ILE B 79 22.72 12.78 -8.79
C ILE B 79 22.32 14.23 -8.61
N ARG B 80 21.26 14.64 -9.31
CA ARG B 80 20.76 16.00 -9.22
C ARG B 80 19.30 16.00 -8.82
N GLY B 81 18.89 17.06 -8.12
CA GLY B 81 17.52 17.18 -7.67
C GLY B 81 17.42 18.12 -6.49
N ASP B 82 16.20 18.41 -6.04
CA ASP B 82 16.00 19.33 -4.92
C ASP B 82 16.95 19.05 -3.77
N PHE B 83 17.57 20.10 -3.25
CA PHE B 83 18.48 19.98 -2.14
C PHE B 83 17.78 19.18 -1.04
N SER B 84 16.65 19.69 -0.57
CA SER B 84 15.89 19.05 0.48
C SER B 84 15.70 17.53 0.29
N MET B 85 15.35 17.09 -0.91
CA MET B 85 15.14 15.66 -1.13
C MET B 85 16.43 14.87 -1.14
N LEU B 86 17.53 15.51 -1.53
CA LEU B 86 18.80 14.81 -1.55
C LEU B 86 19.20 14.43 -0.13
N LEU B 87 19.02 15.37 0.80
CA LEU B 87 19.39 15.15 2.18
C LEU B 87 18.50 14.14 2.89
N LYS B 88 17.34 13.85 2.31
CA LYS B 88 16.42 12.88 2.90
C LYS B 88 16.72 11.49 2.36
N VAL B 89 16.97 11.42 1.06
CA VAL B 89 17.29 10.17 0.41
C VAL B 89 18.74 9.73 0.69
N GLU B 90 19.53 10.63 1.27
CA GLU B 90 20.95 10.37 1.55
C GLU B 90 21.31 9.03 2.25
N ARG B 91 21.01 8.93 3.54
CA ARG B 91 21.35 7.72 4.32
C ARG B 91 20.62 6.51 3.79
N THR B 92 19.37 6.71 3.41
CA THR B 92 18.57 5.63 2.89
C THR B 92 19.25 5.06 1.66
N LEU B 93 19.83 5.96 0.87
CA LEU B 93 20.54 5.57 -0.36
C LEU B 93 21.85 4.88 -0.01
N LEU B 94 22.76 5.60 0.65
CA LEU B 94 24.04 5.03 1.05
C LEU B 94 23.89 3.65 1.73
N ASN B 95 23.16 3.63 2.84
CA ASN B 95 22.90 2.43 3.62
C ASN B 95 22.67 1.16 2.83
N LEU B 96 21.82 1.23 1.81
CA LEU B 96 21.56 0.03 1.02
C LEU B 96 22.68 -0.23 0.01
N LEU B 97 23.31 0.82 -0.47
CA LEU B 97 24.41 0.63 -1.40
C LEU B 97 25.56 -0.02 -0.63
N GLN B 98 25.69 0.33 0.64
CA GLN B 98 26.74 -0.26 1.42
C GLN B 98 26.41 -1.70 1.80
N HIS B 99 25.27 -1.91 2.46
CA HIS B 99 24.92 -3.26 2.86
C HIS B 99 24.90 -4.16 1.67
N SER B 100 24.46 -3.65 0.53
CA SER B 100 24.42 -4.48 -0.66
C SER B 100 25.80 -4.80 -1.21
N SER B 101 26.61 -3.78 -1.45
CA SER B 101 27.96 -3.98 -1.98
C SER B 101 28.85 -4.72 -0.99
N GLY B 102 28.61 -4.51 0.30
CA GLY B 102 29.38 -5.20 1.33
C GLY B 102 29.31 -6.70 1.18
N ILE B 103 28.11 -7.20 0.89
CA ILE B 103 27.90 -8.62 0.69
C ILE B 103 28.66 -9.02 -0.56
N ALA B 104 28.22 -8.51 -1.70
CA ALA B 104 28.82 -8.82 -2.98
C ALA B 104 30.34 -8.86 -2.93
N THR B 105 30.94 -7.88 -2.27
CA THR B 105 32.40 -7.83 -2.16
C THR B 105 32.92 -9.08 -1.46
N LEU B 106 32.50 -9.27 -0.22
CA LEU B 106 32.90 -10.42 0.58
C LEU B 106 32.57 -11.69 -0.18
N THR B 107 31.69 -11.62 -1.18
CA THR B 107 31.34 -12.82 -1.93
C THR B 107 32.38 -13.16 -2.95
N SER B 108 32.85 -12.16 -3.69
CA SER B 108 33.87 -12.37 -4.72
C SER B 108 35.17 -12.92 -4.09
N ARG B 109 35.46 -12.52 -2.86
CA ARG B 109 36.65 -13.00 -2.16
C ARG B 109 36.59 -14.52 -2.02
N PHE B 110 35.38 -15.06 -2.08
CA PHE B 110 35.16 -16.50 -2.00
C PHE B 110 35.23 -17.07 -3.40
N VAL B 111 34.49 -16.45 -4.31
CA VAL B 111 34.46 -16.88 -5.70
C VAL B 111 35.87 -17.05 -6.17
N GLU B 112 36.78 -16.33 -5.51
CA GLU B 112 38.20 -16.39 -5.83
C GLU B 112 38.76 -17.74 -5.40
N ALA B 113 38.93 -17.92 -4.09
CA ALA B 113 39.46 -19.17 -3.56
C ALA B 113 38.81 -20.36 -4.27
N LEU B 114 37.49 -20.29 -4.43
CA LEU B 114 36.77 -21.36 -5.12
C LEU B 114 37.57 -21.68 -6.37
N ASN B 115 37.65 -20.69 -7.27
CA ASN B 115 38.40 -20.83 -8.52
C ASN B 115 38.02 -22.07 -9.33
N SER B 116 36.96 -21.95 -10.11
CA SER B 116 36.51 -23.06 -10.92
C SER B 116 35.41 -22.58 -11.84
N HIS B 117 35.17 -23.33 -12.93
CA HIS B 117 34.16 -22.95 -13.89
C HIS B 117 33.17 -24.09 -14.08
N LYS B 118 33.19 -25.04 -13.15
CA LYS B 118 32.32 -26.20 -13.19
C LYS B 118 31.55 -26.30 -11.87
N VAL B 119 32.05 -25.63 -10.84
CA VAL B 119 31.41 -25.67 -9.54
C VAL B 119 30.75 -24.34 -9.20
N ARG B 120 29.49 -24.42 -8.77
CA ARG B 120 28.75 -23.22 -8.40
C ARG B 120 28.77 -22.97 -6.90
N LEU B 121 28.80 -21.69 -6.53
CA LEU B 121 28.80 -21.27 -5.14
C LEU B 121 27.37 -20.83 -4.85
N LEU B 122 26.82 -21.23 -3.71
CA LEU B 122 25.44 -20.88 -3.39
C LEU B 122 25.26 -20.31 -2.00
N ASP B 123 24.27 -19.42 -1.83
CA ASP B 123 23.98 -18.86 -0.53
C ASP B 123 23.03 -19.84 0.15
N THR B 124 22.24 -19.39 1.12
CA THR B 124 21.33 -20.28 1.81
C THR B 124 19.98 -19.64 2.07
N ARG B 125 19.39 -19.95 3.22
CA ARG B 125 18.11 -19.39 3.63
C ARG B 125 18.36 -18.65 4.95
N LYS B 126 19.63 -18.47 5.26
CA LYS B 126 20.00 -17.78 6.48
C LYS B 126 20.27 -16.37 6.01
N THR B 127 19.25 -15.52 6.13
CA THR B 127 19.35 -14.13 5.74
C THR B 127 18.73 -13.23 6.79
N ARG B 128 19.07 -11.94 6.76
CA ARG B 128 18.50 -11.02 7.74
C ARG B 128 17.01 -10.85 7.44
N PRO B 129 16.18 -10.72 8.48
CA PRO B 129 14.73 -10.56 8.28
C PRO B 129 14.35 -9.41 7.36
N LEU B 130 13.44 -9.71 6.42
CA LEU B 130 12.93 -8.75 5.45
C LEU B 130 13.82 -8.44 4.26
N LEU B 131 15.02 -9.00 4.24
CA LEU B 131 15.97 -8.76 3.16
C LEU B 131 16.33 -10.01 2.34
N ARG B 132 15.51 -11.06 2.45
CA ARG B 132 15.81 -12.29 1.74
C ARG B 132 16.15 -12.00 0.30
N ILE B 133 15.19 -11.47 -0.44
CA ILE B 133 15.39 -11.16 -1.85
C ILE B 133 16.52 -10.15 -2.05
N PHE B 134 16.52 -9.09 -1.26
CA PHE B 134 17.56 -8.05 -1.35
C PHE B 134 18.93 -8.67 -1.29
N GLU B 135 19.20 -9.36 -0.20
CA GLU B 135 20.49 -10.01 0.02
C GLU B 135 20.80 -11.04 -1.08
N LYS B 136 19.82 -11.84 -1.49
CA LYS B 136 20.03 -12.82 -2.55
C LYS B 136 20.52 -12.13 -3.81
N TYR B 137 19.94 -10.98 -4.10
CA TYR B 137 20.32 -10.17 -5.26
C TYR B 137 21.81 -9.85 -5.15
N SER B 138 22.18 -9.26 -4.02
CA SER B 138 23.57 -8.89 -3.78
C SER B 138 24.55 -10.03 -4.11
N VAL B 139 24.31 -11.20 -3.54
CA VAL B 139 25.15 -12.38 -3.78
C VAL B 139 25.38 -12.58 -5.27
N LEU B 140 24.39 -12.26 -6.08
CA LEU B 140 24.58 -12.41 -7.51
C LEU B 140 25.64 -11.42 -7.97
N ASN B 141 25.54 -10.17 -7.53
CA ASN B 141 26.51 -9.15 -7.91
C ASN B 141 27.86 -9.38 -7.25
N GLY B 142 27.97 -10.54 -6.59
CA GLY B 142 29.21 -10.90 -5.94
C GLY B 142 29.95 -11.93 -6.77
N GLY B 143 29.30 -12.40 -7.84
CA GLY B 143 29.91 -13.39 -8.73
C GLY B 143 29.44 -14.83 -8.57
N ALA B 144 28.67 -15.12 -7.52
CA ALA B 144 28.18 -16.47 -7.26
C ALA B 144 26.77 -16.75 -7.78
N SER B 145 26.13 -17.77 -7.22
CA SER B 145 24.78 -18.12 -7.64
C SER B 145 23.92 -18.39 -6.41
N ASN B 146 22.63 -18.12 -6.53
CA ASN B 146 21.68 -18.28 -5.43
C ASN B 146 21.13 -19.69 -5.33
N HIS B 147 20.85 -20.13 -4.11
CA HIS B 147 20.27 -21.44 -3.88
C HIS B 147 18.76 -21.14 -3.98
N ARG B 148 17.89 -21.86 -3.28
CA ARG B 148 16.47 -21.56 -3.36
C ARG B 148 16.17 -20.27 -2.58
N LEU B 149 14.98 -19.70 -2.75
CA LEU B 149 14.65 -18.47 -2.05
C LEU B 149 13.62 -18.61 -0.94
N GLY B 150 12.84 -19.69 -0.96
CA GLY B 150 11.84 -19.92 0.07
C GLY B 150 11.51 -21.38 0.35
N LEU B 151 10.44 -21.63 1.11
CA LEU B 151 10.04 -23.00 1.41
C LEU B 151 8.97 -23.46 0.44
N ASP B 152 8.82 -22.72 -0.66
CA ASP B 152 7.84 -23.01 -1.69
C ASP B 152 8.62 -23.23 -3.00
N ASP B 153 9.82 -22.67 -3.02
CA ASP B 153 10.72 -22.74 -4.16
C ASP B 153 11.16 -24.18 -4.46
N ALA B 154 11.25 -25.03 -3.43
CA ALA B 154 11.71 -26.42 -3.58
C ALA B 154 11.74 -27.10 -2.21
N LEU B 155 11.46 -28.39 -2.16
CA LEU B 155 11.45 -29.12 -0.89
C LEU B 155 12.83 -29.57 -0.47
N MET B 156 13.18 -29.28 0.79
CA MET B 156 14.46 -29.67 1.35
C MET B 156 14.25 -30.30 2.73
N LEU B 157 14.83 -31.48 2.95
CA LEU B 157 14.70 -32.20 4.23
C LEU B 157 16.02 -32.48 4.97
N LYS B 158 16.04 -32.16 6.26
CA LYS B 158 17.22 -32.39 7.10
C LYS B 158 16.80 -33.17 8.34
N ASP B 159 17.79 -33.65 9.11
CA ASP B 159 17.54 -34.42 10.34
C ASP B 159 16.18 -34.18 10.99
N THR B 160 15.96 -32.97 11.47
CA THR B 160 14.69 -32.62 12.12
C THR B 160 13.47 -33.15 11.37
N HIS B 161 13.54 -33.12 10.04
CA HIS B 161 12.44 -33.61 9.20
C HIS B 161 12.29 -35.11 9.21
N LEU B 162 13.42 -35.80 9.08
CA LEU B 162 13.44 -37.25 9.01
C LEU B 162 13.16 -37.98 10.30
N ARG B 163 13.56 -37.39 11.43
CA ARG B 163 13.33 -38.04 12.71
C ARG B 163 11.91 -38.57 12.87
N HIS B 164 10.97 -38.07 12.06
CA HIS B 164 9.59 -38.52 12.14
C HIS B 164 9.18 -39.12 10.81
N VAL B 165 10.07 -39.92 10.23
CA VAL B 165 9.83 -40.54 8.93
C VAL B 165 10.26 -41.99 8.89
N LYS B 166 9.36 -42.88 8.48
CA LYS B 166 9.69 -44.29 8.36
C LYS B 166 9.80 -44.59 6.87
N ASP B 167 10.76 -45.43 6.49
CA ASP B 167 10.96 -45.82 5.10
C ASP B 167 10.87 -44.63 4.14
N LEU B 168 11.99 -43.95 4.01
CA LEU B 168 12.14 -42.77 3.17
C LEU B 168 11.78 -43.04 1.70
N LYS B 169 12.40 -44.04 1.09
CA LYS B 169 12.14 -44.35 -0.31
C LYS B 169 10.65 -44.31 -0.62
N SER B 170 9.84 -44.80 0.31
CA SER B 170 8.39 -44.82 0.15
C SER B 170 7.81 -43.44 0.34
N PHE B 171 8.55 -42.57 1.02
CA PHE B 171 8.10 -41.21 1.27
C PHE B 171 8.24 -40.34 0.04
N LEU B 172 9.47 -40.21 -0.46
CA LEU B 172 9.69 -39.39 -1.65
C LEU B 172 8.83 -39.88 -2.81
N THR B 173 8.16 -41.02 -2.66
CA THR B 173 7.33 -41.55 -3.72
C THR B 173 5.92 -40.99 -3.60
N HIS B 174 5.29 -41.20 -2.46
CA HIS B 174 3.94 -40.69 -2.24
C HIS B 174 3.99 -39.23 -1.79
N ALA B 175 4.92 -38.50 -2.37
CA ALA B 175 5.08 -37.09 -2.07
C ALA B 175 4.97 -36.32 -3.39
N ARG B 176 5.62 -36.82 -4.43
CA ARG B 176 5.60 -36.18 -5.74
C ARG B 176 4.18 -35.83 -6.18
N LYS B 177 3.18 -36.56 -5.70
CA LYS B 177 1.81 -36.31 -6.09
C LYS B 177 1.12 -35.23 -5.28
N ASN B 178 1.84 -34.67 -4.30
CA ASN B 178 1.29 -33.61 -3.46
C ASN B 178 2.18 -32.38 -3.53
N LEU B 179 3.27 -32.49 -4.26
CA LEU B 179 4.20 -31.38 -4.44
C LEU B 179 3.98 -30.80 -5.84
N PRO B 180 4.27 -29.52 -6.01
CA PRO B 180 4.07 -28.95 -7.36
C PRO B 180 5.01 -29.58 -8.39
N PHE B 181 4.42 -30.18 -9.42
CA PHE B 181 5.13 -30.85 -10.53
C PHE B 181 6.63 -30.56 -10.76
N THR B 182 7.05 -29.30 -10.77
CA THR B 182 8.45 -28.96 -11.02
C THR B 182 9.40 -29.14 -9.84
N ALA B 183 8.87 -29.10 -8.63
CA ALA B 183 9.63 -29.22 -7.39
C ALA B 183 10.69 -30.31 -7.25
N LYS B 184 11.92 -29.88 -6.96
CA LYS B 184 13.00 -30.81 -6.74
C LYS B 184 13.05 -31.17 -5.24
N ILE B 185 13.57 -32.35 -4.92
CA ILE B 185 13.66 -32.73 -3.53
C ILE B 185 15.12 -32.91 -3.20
N GLU B 186 15.55 -32.29 -2.10
CA GLU B 186 16.93 -32.38 -1.69
C GLU B 186 17.04 -32.88 -0.26
N ILE B 187 18.13 -33.56 0.05
CA ILE B 187 18.32 -34.12 1.38
C ILE B 187 19.69 -33.89 2.00
N GLU B 188 19.68 -33.52 3.28
CA GLU B 188 20.90 -33.28 4.03
C GLU B 188 21.32 -34.60 4.62
N CYS B 189 22.56 -34.99 4.37
CA CYS B 189 23.09 -36.24 4.88
C CYS B 189 24.40 -35.99 5.57
N GLU B 190 24.55 -36.60 6.76
CA GLU B 190 25.76 -36.44 7.56
C GLU B 190 26.71 -37.63 7.49
N SER B 191 26.59 -38.44 6.44
CA SER B 191 27.47 -39.59 6.27
C SER B 191 27.23 -40.30 4.95
N PHE B 192 28.18 -41.15 4.57
CA PHE B 192 28.08 -41.91 3.33
C PHE B 192 26.81 -42.74 3.28
N GLU B 193 26.60 -43.54 4.33
CA GLU B 193 25.43 -44.40 4.42
C GLU B 193 24.14 -43.62 4.24
N GLU B 194 24.06 -42.46 4.88
CA GLU B 194 22.88 -41.60 4.76
C GLU B 194 22.76 -41.21 3.29
N ALA B 195 23.90 -40.81 2.71
CA ALA B 195 23.98 -40.38 1.33
C ALA B 195 23.37 -41.40 0.36
N LYS B 196 23.87 -42.64 0.39
CA LYS B 196 23.36 -43.69 -0.47
C LYS B 196 21.84 -43.76 -0.35
N ASN B 197 21.37 -43.99 0.87
CA ASN B 197 19.95 -44.08 1.15
C ASN B 197 19.16 -42.99 0.40
N ALA B 198 19.56 -41.74 0.62
CA ALA B 198 18.92 -40.60 -0.03
C ALA B 198 18.81 -40.87 -1.53
N MET B 199 19.93 -40.83 -2.22
CA MET B 199 19.96 -41.07 -3.67
C MET B 199 18.99 -42.16 -4.08
N ASN B 200 19.05 -43.29 -3.39
CA ASN B 200 18.19 -44.43 -3.70
C ASN B 200 16.70 -44.11 -3.57
N ALA B 201 16.29 -43.52 -2.44
CA ALA B 201 14.89 -43.17 -2.20
C ALA B 201 14.32 -42.34 -3.34
N GLY B 202 15.23 -41.79 -4.16
CA GLY B 202 14.82 -40.98 -5.29
C GLY B 202 15.03 -39.49 -5.10
N ALA B 203 16.04 -39.13 -4.30
CA ALA B 203 16.31 -37.72 -4.07
C ALA B 203 16.83 -37.09 -5.34
N ASP B 204 16.58 -35.80 -5.50
CA ASP B 204 17.02 -35.05 -6.67
C ASP B 204 18.34 -34.39 -6.35
N ILE B 205 18.53 -34.02 -5.09
CA ILE B 205 19.76 -33.38 -4.65
C ILE B 205 20.11 -33.87 -3.26
N VAL B 206 21.38 -34.18 -3.08
CA VAL B 206 21.86 -34.65 -1.79
C VAL B 206 22.83 -33.61 -1.28
N MET B 207 22.71 -33.27 0.00
CA MET B 207 23.62 -32.32 0.60
C MET B 207 24.64 -33.07 1.45
N CYS B 208 25.91 -32.80 1.22
CA CYS B 208 26.96 -33.42 1.97
C CYS B 208 27.26 -32.44 3.09
N ASP B 209 26.69 -32.69 4.26
CA ASP B 209 26.86 -31.79 5.39
C ASP B 209 28.28 -31.75 5.94
N ASN B 210 28.41 -31.54 7.25
CA ASN B 210 29.74 -31.46 7.86
C ASN B 210 30.54 -32.74 7.63
N LEU B 211 31.03 -32.93 6.41
CA LEU B 211 31.80 -34.12 6.04
C LEU B 211 33.16 -33.77 5.45
N SER B 212 34.16 -34.55 5.85
CA SER B 212 35.55 -34.36 5.40
C SER B 212 35.70 -34.37 3.88
N VAL B 213 36.67 -33.62 3.39
CA VAL B 213 36.92 -33.55 1.96
C VAL B 213 36.77 -34.93 1.35
N LEU B 214 37.38 -35.92 2.01
CA LEU B 214 37.36 -37.30 1.56
C LEU B 214 35.96 -37.87 1.41
N GLU B 215 35.28 -37.99 2.54
CA GLU B 215 33.93 -38.55 2.57
C GLU B 215 33.04 -37.98 1.47
N THR B 216 33.40 -36.80 1.00
CA THR B 216 32.65 -36.16 -0.08
C THR B 216 33.09 -36.81 -1.39
N LYS B 217 34.40 -36.75 -1.66
CA LYS B 217 34.96 -37.34 -2.86
C LYS B 217 34.41 -38.73 -3.03
N GLU B 218 34.00 -39.35 -1.92
CA GLU B 218 33.45 -40.69 -1.96
C GLU B 218 31.95 -40.70 -2.20
N ILE B 219 31.22 -39.81 -1.52
CA ILE B 219 29.79 -39.75 -1.73
C ILE B 219 29.64 -39.21 -3.14
N ALA B 220 30.71 -38.60 -3.63
CA ALA B 220 30.75 -38.04 -4.97
C ALA B 220 30.86 -39.19 -5.95
N ALA B 221 32.00 -39.87 -5.90
CA ALA B 221 32.29 -41.00 -6.76
C ALA B 221 31.10 -41.96 -6.85
N TYR B 222 30.67 -42.46 -5.70
CA TYR B 222 29.55 -43.39 -5.69
C TYR B 222 28.46 -42.87 -6.61
N ARG B 223 28.28 -41.56 -6.61
CA ARG B 223 27.26 -40.92 -7.42
C ARG B 223 27.56 -40.87 -8.93
N ASP B 224 28.83 -40.92 -9.30
CA ASP B 224 29.20 -40.89 -10.71
C ASP B 224 29.17 -42.28 -11.33
N ALA B 225 28.39 -43.20 -10.74
CA ALA B 225 28.32 -44.55 -11.27
C ALA B 225 26.97 -45.21 -11.11
N HIS B 226 26.28 -44.93 -10.01
CA HIS B 226 24.98 -45.52 -9.74
C HIS B 226 23.84 -44.54 -9.97
N TYR B 227 24.09 -43.26 -9.73
CA TYR B 227 23.10 -42.22 -9.94
C TYR B 227 23.88 -41.00 -10.42
N PRO B 228 24.04 -40.87 -11.74
CA PRO B 228 24.78 -39.77 -12.38
C PRO B 228 23.90 -38.54 -12.50
N PHE B 229 22.60 -38.76 -12.39
CA PHE B 229 21.60 -37.70 -12.49
C PHE B 229 21.22 -37.03 -11.18
N VAL B 230 22.07 -37.15 -10.17
CA VAL B 230 21.79 -36.52 -8.89
C VAL B 230 22.72 -35.35 -8.66
N LEU B 231 22.19 -34.32 -8.04
CA LEU B 231 22.93 -33.12 -7.73
C LEU B 231 23.55 -33.31 -6.34
N LEU B 232 24.77 -32.81 -6.18
CA LEU B 232 25.46 -32.91 -4.91
C LEU B 232 26.05 -31.59 -4.51
N GLU B 233 25.78 -31.17 -3.29
CA GLU B 233 26.34 -29.92 -2.80
C GLU B 233 26.94 -30.17 -1.44
N ALA B 234 28.04 -29.49 -1.13
CA ALA B 234 28.68 -29.66 0.17
C ALA B 234 28.43 -28.40 0.98
N SER B 235 28.20 -28.56 2.27
CA SER B 235 27.92 -27.42 3.14
C SER B 235 28.44 -27.62 4.56
N GLY B 236 28.32 -26.59 5.37
CA GLY B 236 28.77 -26.68 6.76
C GLY B 236 30.07 -25.95 7.07
N ASN B 237 29.93 -24.82 7.76
CA ASN B 237 31.08 -24.01 8.18
C ASN B 237 32.26 -23.95 7.22
N ILE B 238 32.00 -23.94 5.92
CA ILE B 238 33.08 -23.87 4.95
C ILE B 238 33.74 -22.48 5.06
N SER B 239 35.06 -22.41 4.91
CA SER B 239 35.76 -21.12 5.01
C SER B 239 36.58 -20.73 3.78
N LEU B 240 37.22 -19.58 3.85
CA LEU B 240 38.02 -19.08 2.74
C LEU B 240 39.24 -19.91 2.36
N GLU B 241 39.72 -20.74 3.28
CA GLU B 241 40.88 -21.58 3.02
C GLU B 241 40.44 -22.96 2.54
N SER B 242 39.70 -23.66 3.39
CA SER B 242 39.21 -24.98 3.07
C SER B 242 38.26 -25.02 1.87
N ILE B 243 37.69 -23.87 1.51
CA ILE B 243 36.74 -23.84 0.39
C ILE B 243 37.38 -24.30 -0.92
N ASN B 244 38.62 -23.88 -1.15
CA ASN B 244 39.31 -24.26 -2.37
C ASN B 244 39.29 -25.77 -2.60
N ALA B 245 39.78 -26.51 -1.62
CA ALA B 245 39.84 -27.96 -1.69
C ALA B 245 38.58 -28.62 -2.21
N TYR B 246 37.46 -28.45 -1.50
CA TYR B 246 36.20 -29.07 -1.91
C TYR B 246 35.92 -28.91 -3.39
N ALA B 247 36.22 -27.74 -3.94
CA ALA B 247 35.98 -27.49 -5.35
C ALA B 247 36.41 -28.72 -6.15
N LYS B 248 37.65 -29.11 -5.94
CA LYS B 248 38.23 -30.27 -6.60
C LYS B 248 37.90 -31.50 -5.77
N SER B 249 36.70 -32.04 -5.98
CA SER B 249 36.24 -33.23 -5.27
C SER B 249 34.99 -33.74 -5.96
N GLY B 250 34.90 -33.46 -7.25
CA GLY B 250 33.76 -33.90 -8.05
C GLY B 250 32.40 -33.66 -7.44
N VAL B 251 32.18 -32.45 -6.93
CA VAL B 251 30.89 -32.12 -6.33
C VAL B 251 30.24 -30.95 -7.07
N ASP B 252 28.98 -31.14 -7.46
CA ASP B 252 28.20 -30.15 -8.21
C ASP B 252 28.34 -28.68 -7.82
N ALA B 253 28.00 -28.37 -6.57
CA ALA B 253 28.08 -27.00 -6.06
C ALA B 253 28.36 -26.97 -4.56
N ILE B 254 28.76 -25.80 -4.05
CA ILE B 254 29.07 -25.63 -2.64
C ILE B 254 28.25 -24.46 -2.09
N SER B 255 27.70 -24.62 -0.90
CA SER B 255 26.90 -23.56 -0.31
C SER B 255 27.45 -23.05 1.00
N VAL B 256 28.12 -21.89 0.96
CA VAL B 256 28.66 -21.28 2.17
C VAL B 256 27.85 -20.02 2.47
N GLY B 257 26.72 -20.22 3.15
CA GLY B 257 25.84 -19.12 3.47
C GLY B 257 26.47 -17.97 4.23
N ALA B 258 27.73 -18.14 4.64
CA ALA B 258 28.42 -17.11 5.38
C ALA B 258 28.55 -15.84 4.54
N LEU B 259 28.52 -16.04 3.23
CA LEU B 259 28.61 -14.97 2.25
C LEU B 259 27.60 -13.89 2.55
N ILE B 260 26.73 -14.12 3.50
CA ILE B 260 25.72 -13.14 3.84
C ILE B 260 25.70 -12.78 5.30
N HIS B 261 25.56 -13.78 6.17
CA HIS B 261 25.51 -13.49 7.59
C HIS B 261 26.86 -13.08 8.14
N GLN B 262 27.86 -13.02 7.26
CA GLN B 262 29.19 -12.62 7.70
C GLN B 262 29.76 -11.49 6.83
N ALA B 263 28.86 -10.71 6.25
CA ALA B 263 29.26 -9.61 5.41
C ALA B 263 28.85 -8.30 6.07
N THR B 264 29.76 -7.33 6.06
CA THR B 264 29.43 -6.04 6.65
C THR B 264 29.48 -4.89 5.60
N PHE B 265 29.13 -3.67 6.04
CA PHE B 265 29.11 -2.48 5.17
C PHE B 265 30.46 -2.17 4.52
N ILE B 266 30.43 -1.40 3.44
CA ILE B 266 31.68 -0.99 2.79
C ILE B 266 31.67 0.53 2.76
N ASP B 267 32.32 1.14 3.74
CA ASP B 267 32.38 2.60 3.86
C ASP B 267 32.24 3.39 2.56
N MET B 268 31.16 4.16 2.47
CA MET B 268 30.88 5.03 1.32
C MET B 268 30.33 6.30 1.94
N HIS B 269 30.26 7.36 1.16
CA HIS B 269 29.71 8.60 1.67
C HIS B 269 29.26 9.45 0.51
N MET B 270 28.56 10.55 0.80
CA MET B 270 28.05 11.43 -0.24
C MET B 270 28.53 12.86 -0.02
N LYS B 271 28.97 13.51 -1.10
CA LYS B 271 29.44 14.89 -1.05
C LYS B 271 28.72 15.74 -2.09
N MET B 272 28.42 16.98 -1.72
CA MET B 272 27.71 17.91 -2.59
C MET B 272 28.52 18.45 -3.76
N ALA B 273 29.65 19.08 -3.47
CA ALA B 273 30.49 19.65 -4.51
C ALA B 273 29.74 20.73 -5.29
N MET C 1 5.42 9.21 -1.71
CA MET C 1 6.13 10.28 -0.95
C MET C 1 5.98 10.04 0.55
N GLU C 2 5.23 10.95 1.19
CA GLU C 2 4.96 10.90 2.60
C GLU C 2 3.46 10.81 2.82
N ILE C 3 2.74 11.87 2.45
CA ILE C 3 1.29 11.92 2.61
C ILE C 3 0.45 11.38 1.46
N ARG C 4 1.07 10.80 0.45
CA ARG C 4 0.31 10.27 -0.65
C ARG C 4 -0.71 9.25 -0.13
N THR C 5 -0.30 8.40 0.80
CA THR C 5 -1.17 7.37 1.36
C THR C 5 -2.32 7.90 2.21
N PHE C 6 -2.17 9.11 2.73
CA PHE C 6 -3.20 9.75 3.53
C PHE C 6 -4.31 10.10 2.58
N LEU C 7 -3.96 10.80 1.50
CA LEU C 7 -4.95 11.21 0.50
C LEU C 7 -5.57 10.02 -0.20
N GLU C 8 -4.73 9.01 -0.46
CA GLU C 8 -5.15 7.79 -1.12
C GLU C 8 -6.29 7.19 -0.32
N ARG C 9 -6.19 7.32 1.01
CA ARG C 9 -7.20 6.80 1.93
C ARG C 9 -8.40 7.71 2.04
N ALA C 10 -8.17 8.99 2.15
CA ALA C 10 -9.26 9.96 2.26
C ALA C 10 -10.24 9.83 1.11
N LEU C 11 -9.72 9.44 -0.06
CA LEU C 11 -10.54 9.26 -1.26
C LEU C 11 -11.32 7.95 -1.24
N LYS C 12 -10.58 6.87 -0.98
CA LYS C 12 -11.14 5.54 -0.93
C LYS C 12 -12.32 5.46 0.05
N GLU C 13 -12.38 6.36 1.03
CA GLU C 13 -13.48 6.29 2.00
C GLU C 13 -14.74 6.88 1.47
N ASP C 14 -14.61 7.80 0.52
CA ASP C 14 -15.76 8.48 -0.09
C ASP C 14 -16.24 7.78 -1.37
N LEU C 15 -15.29 7.29 -2.16
CA LEU C 15 -15.64 6.59 -3.38
C LEU C 15 -16.32 5.26 -3.07
N GLY C 16 -15.76 4.50 -2.14
CA GLY C 16 -16.35 3.21 -1.82
C GLY C 16 -16.34 2.31 -3.03
N HIS C 17 -17.39 1.50 -3.20
CA HIS C 17 -17.47 0.59 -4.33
C HIS C 17 -17.18 1.29 -5.66
N GLY C 18 -17.39 2.61 -5.70
CA GLY C 18 -17.15 3.41 -6.90
C GLY C 18 -18.10 4.58 -7.09
N ASP C 19 -17.67 5.66 -7.77
CA ASP C 19 -18.55 6.83 -7.99
C ASP C 19 -19.67 6.48 -8.95
N LEU C 20 -20.89 6.91 -8.61
CA LEU C 20 -22.05 6.62 -9.46
C LEU C 20 -22.18 7.51 -10.70
N PHE C 21 -22.12 8.83 -10.48
CA PHE C 21 -22.24 9.77 -11.58
C PHE C 21 -21.34 9.40 -12.74
N GLU C 22 -20.21 8.77 -12.44
CA GLU C 22 -19.31 8.42 -13.53
C GLU C 22 -19.88 7.26 -14.35
N ARG C 23 -20.94 6.61 -13.85
CA ARG C 23 -21.57 5.51 -14.59
C ARG C 23 -22.53 6.04 -15.64
N VAL C 24 -23.24 7.11 -15.26
CA VAL C 24 -24.25 7.75 -16.09
C VAL C 24 -23.79 8.92 -16.96
N LEU C 25 -22.61 9.47 -16.68
CA LEU C 25 -22.03 10.56 -17.46
C LEU C 25 -21.97 9.96 -18.87
N GLU C 26 -22.15 10.77 -19.90
CA GLU C 26 -22.13 10.26 -21.26
C GLU C 26 -20.79 10.41 -21.94
N LYS C 27 -20.27 11.64 -21.95
CA LYS C 27 -18.97 11.94 -22.56
C LYS C 27 -18.18 12.83 -21.62
N ASP C 28 -17.17 12.26 -20.98
CA ASP C 28 -16.33 13.02 -20.06
C ASP C 28 -15.56 14.05 -20.88
N PHE C 29 -14.91 15.00 -20.21
CA PHE C 29 -14.20 16.06 -20.92
C PHE C 29 -13.41 16.94 -19.97
N LYS C 30 -12.42 17.66 -20.50
CA LYS C 30 -11.61 18.55 -19.67
C LYS C 30 -12.45 19.77 -19.27
N ALA C 31 -12.16 20.35 -18.11
CA ALA C 31 -12.88 21.52 -17.59
C ALA C 31 -12.07 22.20 -16.47
N THR C 32 -12.44 23.43 -16.15
CA THR C 32 -11.75 24.18 -15.11
C THR C 32 -12.68 24.28 -13.90
N ALA C 33 -12.14 24.75 -12.78
CA ALA C 33 -12.95 24.92 -11.57
C ALA C 33 -12.20 25.75 -10.56
N PHE C 34 -12.94 26.51 -9.77
CA PHE C 34 -12.34 27.37 -8.78
C PHE C 34 -12.86 27.05 -7.38
N VAL C 35 -11.99 27.18 -6.39
CA VAL C 35 -12.37 26.96 -4.99
C VAL C 35 -12.50 28.37 -4.43
N ARG C 36 -13.73 28.79 -4.16
CA ARG C 36 -13.97 30.12 -3.63
C ARG C 36 -14.24 30.05 -2.15
N ALA C 37 -13.87 31.10 -1.44
CA ALA C 37 -14.08 31.19 0.00
C ALA C 37 -15.41 31.87 0.27
N LYS C 38 -16.05 31.49 1.37
CA LYS C 38 -17.32 32.07 1.74
C LYS C 38 -17.21 32.57 3.17
N GLN C 39 -15.98 32.77 3.61
CA GLN C 39 -15.69 33.22 4.97
C GLN C 39 -14.25 33.71 4.91
N GLU C 40 -13.90 34.69 5.75
CA GLU C 40 -12.53 35.20 5.73
C GLU C 40 -11.72 34.37 6.71
N GLY C 41 -10.45 34.17 6.41
CA GLY C 41 -9.62 33.39 7.29
C GLY C 41 -8.23 33.30 6.72
N VAL C 42 -7.47 32.29 7.13
CA VAL C 42 -6.11 32.10 6.63
C VAL C 42 -6.00 30.71 5.98
N PHE C 43 -5.38 30.68 4.81
CA PHE C 43 -5.24 29.48 4.01
C PHE C 43 -4.20 28.45 4.41
N SER C 44 -4.67 27.23 4.68
CA SER C 44 -3.80 26.11 5.06
C SER C 44 -4.17 24.89 4.24
N GLY C 45 -3.23 23.98 4.01
CA GLY C 45 -3.55 22.79 3.26
C GLY C 45 -2.92 22.72 1.89
N GLU C 46 -2.36 23.83 1.47
CA GLU C 46 -1.72 23.87 0.15
C GLU C 46 -0.97 22.57 -0.06
N LYS C 47 -0.03 22.27 0.84
CA LYS C 47 0.82 21.08 0.80
C LYS C 47 -0.01 19.86 0.39
N TYR C 48 -1.07 19.58 1.14
CA TYR C 48 -1.91 18.41 0.86
C TYR C 48 -2.60 18.47 -0.49
N ALA C 49 -3.37 19.51 -0.70
CA ALA C 49 -4.12 19.67 -1.94
C ALA C 49 -3.28 19.40 -3.19
N LEU C 50 -2.20 20.15 -3.36
CA LEU C 50 -1.33 19.97 -4.52
C LEU C 50 -0.95 18.52 -4.79
N GLU C 51 -0.95 17.70 -3.75
CA GLU C 51 -0.63 16.28 -3.92
C GLU C 51 -1.89 15.54 -4.29
N LEU C 52 -3.01 15.93 -3.67
CA LEU C 52 -4.27 15.30 -3.99
C LEU C 52 -4.53 15.51 -5.46
N LEU C 53 -4.31 16.73 -5.93
CA LEU C 53 -4.51 17.07 -7.32
C LEU C 53 -3.60 16.29 -8.27
N GLU C 54 -2.28 16.45 -8.10
CA GLU C 54 -1.36 15.74 -8.98
C GLU C 54 -1.60 14.22 -8.94
N MET C 55 -1.89 13.73 -7.74
CA MET C 55 -2.15 12.32 -7.50
C MET C 55 -3.31 11.75 -8.31
N THR C 56 -4.32 12.59 -8.54
CA THR C 56 -5.50 12.17 -9.30
C THR C 56 -5.51 12.76 -10.71
N GLY C 57 -4.34 13.10 -11.21
CA GLY C 57 -4.21 13.65 -12.56
C GLY C 57 -5.03 14.87 -12.91
N ILE C 58 -5.06 15.84 -11.99
CA ILE C 58 -5.76 17.09 -12.22
C ILE C 58 -4.65 18.12 -12.29
N GLU C 59 -4.85 19.17 -13.07
CA GLU C 59 -3.84 20.20 -13.21
C GLU C 59 -4.14 21.39 -12.33
N CYS C 60 -3.10 21.91 -11.69
CA CYS C 60 -3.27 23.07 -10.86
C CYS C 60 -2.80 24.27 -11.67
N VAL C 61 -3.72 25.19 -11.95
CA VAL C 61 -3.37 26.36 -12.72
C VAL C 61 -2.80 27.39 -11.78
N GLN C 62 -3.58 27.80 -10.79
CA GLN C 62 -3.13 28.81 -9.84
C GLN C 62 -3.56 28.45 -8.41
N THR C 63 -2.77 28.87 -7.42
CA THR C 63 -3.09 28.60 -6.00
C THR C 63 -2.41 29.53 -5.01
N ILE C 64 -3.15 29.94 -3.98
CA ILE C 64 -2.57 30.80 -2.97
C ILE C 64 -1.72 29.93 -2.06
N LYS C 65 -0.75 30.54 -1.39
CA LYS C 65 0.13 29.80 -0.49
C LYS C 65 -0.43 29.62 0.92
N ASP C 66 0.22 28.75 1.68
CA ASP C 66 -0.21 28.50 3.04
C ASP C 66 0.13 29.76 3.84
N LYS C 67 -0.76 30.10 4.77
CA LYS C 67 -0.58 31.27 5.62
C LYS C 67 -1.08 32.56 4.99
N GLU C 68 -1.44 32.53 3.71
CA GLU C 68 -1.95 33.73 3.07
C GLU C 68 -3.38 34.00 3.56
N ARG C 69 -3.72 35.28 3.74
CA ARG C 69 -5.05 35.67 4.19
C ARG C 69 -6.00 35.77 3.02
N PHE C 70 -7.29 35.51 3.28
CA PHE C 70 -8.28 35.59 2.22
C PHE C 70 -9.61 36.11 2.73
N LYS C 71 -10.32 36.82 1.84
CA LYS C 71 -11.63 37.41 2.13
C LYS C 71 -12.69 36.55 1.45
N PRO C 72 -13.97 36.73 1.82
CA PRO C 72 -14.98 35.91 1.15
C PRO C 72 -15.07 36.24 -0.32
N LYS C 73 -15.69 35.32 -1.06
CA LYS C 73 -15.86 35.48 -2.50
C LYS C 73 -14.51 35.45 -3.23
N ASP C 74 -13.43 35.37 -2.46
CA ASP C 74 -12.07 35.29 -3.03
C ASP C 74 -11.91 33.96 -3.75
N ALA C 75 -11.31 33.98 -4.92
CA ALA C 75 -11.09 32.73 -5.64
C ALA C 75 -9.74 32.22 -5.13
N LEU C 76 -9.72 31.04 -4.48
CA LEU C 76 -8.48 30.48 -3.92
C LEU C 76 -7.70 29.52 -4.80
N MET C 77 -8.39 28.71 -5.60
CA MET C 77 -7.70 27.76 -6.47
C MET C 77 -8.33 27.58 -7.84
N GLU C 78 -7.49 27.41 -8.85
CA GLU C 78 -7.96 27.20 -10.22
C GLU C 78 -7.46 25.84 -10.70
N ILE C 79 -8.32 24.82 -10.62
CA ILE C 79 -7.96 23.46 -11.03
C ILE C 79 -8.53 23.12 -12.39
N ARG C 80 -7.84 22.23 -13.12
CA ARG C 80 -8.29 21.84 -14.45
C ARG C 80 -8.03 20.40 -14.85
N GLY C 81 -9.08 19.59 -14.88
CA GLY C 81 -8.92 18.21 -15.29
C GLY C 81 -10.21 17.63 -15.83
N ASP C 82 -10.27 16.31 -16.02
CA ASP C 82 -11.48 15.68 -16.53
C ASP C 82 -12.67 15.98 -15.63
N PHE C 83 -13.76 16.38 -16.25
CA PHE C 83 -14.97 16.72 -15.55
C PHE C 83 -15.36 15.65 -14.52
N SER C 84 -15.34 14.38 -14.94
CA SER C 84 -15.70 13.25 -14.08
C SER C 84 -14.91 13.24 -12.79
N MET C 85 -13.59 13.38 -12.91
CA MET C 85 -12.71 13.36 -11.75
C MET C 85 -12.95 14.57 -10.88
N LEU C 86 -12.73 15.75 -11.45
CA LEU C 86 -12.93 17.00 -10.72
C LEU C 86 -14.06 16.82 -9.71
N LEU C 87 -15.05 16.04 -10.11
CA LEU C 87 -16.21 15.79 -9.27
C LEU C 87 -15.93 14.82 -8.13
N LYS C 88 -15.24 13.71 -8.42
CA LYS C 88 -14.93 12.73 -7.38
C LYS C 88 -14.05 13.37 -6.31
N VAL C 89 -13.10 14.18 -6.79
CA VAL C 89 -12.15 14.87 -5.94
C VAL C 89 -12.71 16.10 -5.20
N GLU C 90 -13.78 16.70 -5.72
CA GLU C 90 -14.37 17.89 -5.14
C GLU C 90 -14.47 17.93 -3.61
N ARG C 91 -15.41 17.17 -3.04
CA ARG C 91 -15.63 17.20 -1.60
C ARG C 91 -14.36 16.98 -0.78
N THR C 92 -13.58 15.98 -1.14
CA THR C 92 -12.34 15.69 -0.43
C THR C 92 -11.50 16.95 -0.34
N LEU C 93 -11.12 17.48 -1.52
CA LEU C 93 -10.32 18.71 -1.67
C LEU C 93 -10.87 19.82 -0.79
N LEU C 94 -12.18 20.00 -0.80
CA LEU C 94 -12.77 21.03 0.04
C LEU C 94 -12.73 20.63 1.51
N ASN C 95 -13.23 19.43 1.84
CA ASN C 95 -13.20 18.99 3.22
C ASN C 95 -11.84 19.25 3.86
N LEU C 96 -10.76 18.86 3.20
CA LEU C 96 -9.45 19.04 3.81
C LEU C 96 -8.94 20.48 3.85
N LEU C 97 -9.39 21.33 2.92
CA LEU C 97 -8.98 22.74 2.92
C LEU C 97 -9.75 23.52 3.99
N GLN C 98 -10.94 23.01 4.31
CA GLN C 98 -11.78 23.63 5.30
C GLN C 98 -11.32 23.21 6.69
N HIS C 99 -10.90 21.97 6.85
CA HIS C 99 -10.45 21.54 8.16
C HIS C 99 -9.13 22.17 8.50
N SER C 100 -8.21 22.13 7.53
CA SER C 100 -6.88 22.68 7.69
C SER C 100 -6.94 24.18 7.92
N SER C 101 -7.63 24.90 7.02
CA SER C 101 -7.77 26.35 7.14
C SER C 101 -8.48 26.73 8.43
N GLY C 102 -9.49 25.93 8.76
CA GLY C 102 -10.25 26.16 9.97
C GLY C 102 -9.29 26.29 11.12
N ILE C 103 -8.43 25.29 11.29
CA ILE C 103 -7.46 25.31 12.38
C ILE C 103 -6.54 26.52 12.29
N ALA C 104 -5.79 26.63 11.21
CA ALA C 104 -4.87 27.75 11.04
C ALA C 104 -5.52 29.07 11.44
N THR C 105 -6.74 29.29 11.00
CA THR C 105 -7.42 30.52 11.36
C THR C 105 -7.54 30.70 12.88
N LEU C 106 -8.30 29.85 13.56
CA LEU C 106 -8.44 30.01 15.00
C LEU C 106 -7.08 30.23 15.62
N THR C 107 -6.09 29.51 15.12
CA THR C 107 -4.75 29.65 15.64
C THR C 107 -4.26 31.06 15.44
N SER C 108 -4.33 31.54 14.20
CA SER C 108 -3.88 32.88 13.89
C SER C 108 -4.48 33.92 14.83
N ARG C 109 -5.64 33.61 15.40
CA ARG C 109 -6.31 34.52 16.34
C ARG C 109 -5.50 34.58 17.65
N PHE C 110 -5.17 33.41 18.18
CA PHE C 110 -4.40 33.31 19.41
C PHE C 110 -3.04 33.95 19.25
N VAL C 111 -2.45 33.85 18.06
CA VAL C 111 -1.14 34.43 17.81
C VAL C 111 -1.18 35.96 17.83
N GLU C 112 -2.31 36.53 17.42
CA GLU C 112 -2.49 37.97 17.41
C GLU C 112 -2.79 38.47 18.81
N ALA C 113 -3.73 37.81 19.48
CA ALA C 113 -4.12 38.15 20.85
C ALA C 113 -3.03 37.79 21.87
N LEU C 114 -2.01 37.09 21.40
CA LEU C 114 -0.89 36.70 22.25
C LEU C 114 0.02 37.92 22.29
N ASN C 115 0.39 38.42 21.11
CA ASN C 115 1.23 39.59 20.98
C ASN C 115 2.56 39.43 21.70
N SER C 116 3.59 39.11 20.92
CA SER C 116 4.93 38.95 21.44
C SER C 116 5.75 38.22 20.39
N HIS C 117 6.95 38.72 20.15
CA HIS C 117 7.82 38.11 19.15
C HIS C 117 8.84 37.16 19.78
N LYS C 118 8.75 36.98 21.10
CA LYS C 118 9.69 36.10 21.79
C LYS C 118 9.06 34.90 22.51
N VAL C 119 7.74 34.90 22.65
CA VAL C 119 7.05 33.77 23.30
C VAL C 119 6.36 32.88 22.26
N ARG C 120 6.72 31.60 22.28
CA ARG C 120 6.13 30.64 21.35
C ARG C 120 4.74 30.21 21.85
N LEU C 121 3.86 29.86 20.92
CA LEU C 121 2.53 29.40 21.27
C LEU C 121 2.54 27.94 20.79
N LEU C 122 2.14 27.01 21.65
CA LEU C 122 2.18 25.60 21.28
C LEU C 122 0.86 24.84 21.32
N ASP C 123 0.76 23.82 20.47
CA ASP C 123 -0.41 22.95 20.42
C ASP C 123 -0.14 21.77 21.35
N THR C 124 -0.68 20.59 21.03
CA THR C 124 -0.44 19.45 21.90
C THR C 124 -0.45 18.08 21.22
N ARG C 125 -1.04 17.13 21.93
CA ARG C 125 -1.19 15.77 21.45
C ARG C 125 -2.67 15.45 21.43
N LYS C 126 -3.48 16.42 21.83
CA LYS C 126 -4.92 16.23 21.80
C LYS C 126 -5.30 16.56 20.36
N THR C 127 -5.42 15.51 19.54
CA THR C 127 -5.75 15.67 18.13
C THR C 127 -6.79 14.64 17.71
N ARG C 128 -7.39 14.84 16.55
CA ARG C 128 -8.40 13.90 16.09
C ARG C 128 -7.71 12.66 15.52
N PRO C 129 -8.31 11.48 15.70
CA PRO C 129 -7.69 10.25 15.20
C PRO C 129 -7.33 10.22 13.72
N LEU C 130 -6.08 9.88 13.46
CA LEU C 130 -5.54 9.73 12.11
C LEU C 130 -5.12 11.04 11.47
N LEU C 131 -5.16 12.14 12.23
CA LEU C 131 -4.76 13.44 11.70
C LEU C 131 -3.62 14.11 12.46
N ARG C 132 -2.93 13.36 13.31
CA ARG C 132 -1.86 13.90 14.13
C ARG C 132 -0.96 14.82 13.35
N ILE C 133 -0.40 14.27 12.27
CA ILE C 133 0.50 15.01 11.41
C ILE C 133 -0.21 16.15 10.69
N PHE C 134 -1.36 15.86 10.10
CA PHE C 134 -2.14 16.86 9.38
C PHE C 134 -2.43 18.10 10.24
N GLU C 135 -3.10 17.89 11.38
CA GLU C 135 -3.46 18.97 12.30
C GLU C 135 -2.26 19.76 12.84
N LYS C 136 -1.16 19.09 13.15
CA LYS C 136 0.03 19.82 13.61
C LYS C 136 0.36 20.79 12.46
N TYR C 137 0.51 20.22 11.26
CA TYR C 137 0.80 20.97 10.04
C TYR C 137 -0.11 22.18 9.95
N SER C 138 -1.39 22.00 10.24
CA SER C 138 -2.33 23.10 10.18
C SER C 138 -1.97 24.20 11.15
N VAL C 139 -1.80 23.83 12.42
CA VAL C 139 -1.45 24.80 13.43
C VAL C 139 -0.28 25.63 12.93
N LEU C 140 0.72 24.97 12.36
CA LEU C 140 1.91 25.63 11.83
C LEU C 140 1.54 26.87 11.01
N ASN C 141 0.73 26.68 9.98
CA ASN C 141 0.31 27.77 9.11
C ASN C 141 -0.43 28.87 9.82
N GLY C 142 -1.22 28.53 10.82
CA GLY C 142 -1.93 29.54 11.56
C GLY C 142 -0.97 30.55 12.16
N GLY C 143 0.34 30.26 12.05
CA GLY C 143 1.35 31.15 12.60
C GLY C 143 1.94 30.77 13.95
N ALA C 144 1.45 29.68 14.53
CA ALA C 144 1.96 29.24 15.83
C ALA C 144 3.12 28.25 15.66
N SER C 145 3.38 27.44 16.69
CA SER C 145 4.45 26.47 16.60
C SER C 145 4.08 25.16 17.27
N ASN C 146 4.48 24.04 16.67
CA ASN C 146 4.18 22.71 17.17
C ASN C 146 4.95 22.29 18.41
N HIS C 147 4.32 21.46 19.25
CA HIS C 147 4.98 20.92 20.43
C HIS C 147 5.55 19.61 19.87
N ARG C 148 5.84 18.60 20.70
CA ARG C 148 6.35 17.34 20.16
C ARG C 148 5.21 16.73 19.35
N LEU C 149 5.53 15.75 18.51
CA LEU C 149 4.51 15.11 17.67
C LEU C 149 3.95 13.81 18.20
N GLY C 150 4.76 13.07 18.99
CA GLY C 150 4.32 11.80 19.55
C GLY C 150 5.05 11.38 20.81
N LEU C 151 5.00 10.09 21.15
CA LEU C 151 5.66 9.60 22.36
C LEU C 151 7.11 9.18 22.13
N ASP C 152 7.57 9.28 20.90
CA ASP C 152 8.95 8.90 20.58
C ASP C 152 9.77 10.17 20.45
N ASP C 153 9.06 11.24 20.19
CA ASP C 153 9.58 12.60 20.00
C ASP C 153 10.43 13.07 21.18
N ALA C 154 9.87 12.99 22.38
CA ALA C 154 10.55 13.42 23.60
C ALA C 154 9.77 12.89 24.79
N LEU C 155 10.43 12.74 25.92
CA LEU C 155 9.75 12.21 27.11
C LEU C 155 9.10 13.24 28.01
N MET C 156 7.85 12.97 28.37
CA MET C 156 7.17 13.86 29.28
C MET C 156 6.49 13.08 30.37
N LEU C 157 6.87 13.38 31.61
CA LEU C 157 6.32 12.73 32.79
C LEU C 157 5.30 13.63 33.48
N LYS C 158 4.05 13.20 33.55
CA LYS C 158 3.04 13.98 34.25
C LYS C 158 3.00 13.41 35.66
N ASP C 159 1.99 13.75 36.45
CA ASP C 159 1.95 13.20 37.79
C ASP C 159 1.85 11.67 37.74
N THR C 160 0.94 11.17 36.89
CA THR C 160 0.75 9.74 36.76
C THR C 160 2.07 8.97 36.78
N HIS C 161 3.00 9.38 35.91
CA HIS C 161 4.30 8.72 35.80
C HIS C 161 5.09 8.81 37.10
N LEU C 162 5.12 10.01 37.66
CA LEU C 162 5.87 10.27 38.87
C LEU C 162 5.43 9.59 40.16
N ARG C 163 4.12 9.45 40.35
CA ARG C 163 3.55 8.85 41.54
C ARG C 163 4.18 7.52 41.99
N HIS C 164 5.26 7.13 41.33
CA HIS C 164 5.92 5.88 41.69
C HIS C 164 7.42 6.04 41.71
N VAL C 165 7.89 7.27 41.54
CA VAL C 165 9.33 7.48 41.50
C VAL C 165 9.93 8.10 42.76
N LYS C 166 10.47 7.24 43.63
CA LYS C 166 11.13 7.74 44.83
C LYS C 166 12.41 8.32 44.29
N ASP C 167 12.73 9.54 44.69
CA ASP C 167 13.96 10.18 44.23
C ASP C 167 13.99 10.40 42.72
N LEU C 168 13.64 11.61 42.31
CA LEU C 168 13.58 11.98 40.91
C LEU C 168 14.92 12.33 40.26
N LYS C 169 15.82 12.98 41.01
CA LYS C 169 17.12 13.36 40.45
C LYS C 169 17.87 12.15 39.89
N SER C 170 17.70 11.01 40.56
CA SER C 170 18.35 9.78 40.15
C SER C 170 17.62 9.24 38.93
N PHE C 171 16.31 9.04 39.09
CA PHE C 171 15.47 8.53 38.02
C PHE C 171 15.79 9.20 36.69
N LEU C 172 15.94 10.53 36.70
CA LEU C 172 16.26 11.24 35.46
C LEU C 172 17.67 10.92 35.02
N THR C 173 18.56 10.75 35.98
CA THR C 173 19.94 10.45 35.67
C THR C 173 20.08 9.03 35.14
N HIS C 174 19.35 8.12 35.72
CA HIS C 174 19.41 6.73 35.32
C HIS C 174 18.30 6.38 34.33
N ALA C 175 18.06 7.30 33.40
CA ALA C 175 17.04 7.14 32.37
C ALA C 175 17.68 7.65 31.11
N ARG C 176 18.62 8.57 31.28
CA ARG C 176 19.32 9.16 30.16
C ARG C 176 20.03 8.09 29.38
N LYS C 177 20.68 7.16 30.09
CA LYS C 177 21.42 6.08 29.42
C LYS C 177 20.55 5.12 28.63
N ASN C 178 19.23 5.26 28.76
CA ASN C 178 18.31 4.40 28.03
C ASN C 178 17.66 5.16 26.89
N LEU C 179 17.04 6.29 27.20
CA LEU C 179 16.39 7.11 26.17
C LEU C 179 17.40 7.45 25.10
N PRO C 180 16.94 7.65 23.85
CA PRO C 180 17.92 7.98 22.82
C PRO C 180 18.73 9.19 23.27
N PHE C 181 19.92 9.31 22.70
CA PHE C 181 20.86 10.39 23.03
C PHE C 181 20.35 11.82 22.93
N THR C 182 19.52 12.08 21.93
CA THR C 182 18.99 13.41 21.67
C THR C 182 17.54 13.51 22.03
N ALA C 183 17.24 13.47 23.32
CA ALA C 183 15.86 13.56 23.75
C ALA C 183 15.80 14.52 24.90
N LYS C 184 14.70 15.26 24.99
CA LYS C 184 14.55 16.19 26.09
C LYS C 184 13.54 15.58 27.01
N ILE C 185 13.59 15.96 28.28
CA ILE C 185 12.60 15.44 29.22
C ILE C 185 11.84 16.66 29.70
N GLU C 186 10.54 16.48 29.98
CA GLU C 186 9.74 17.60 30.44
C GLU C 186 8.90 17.10 31.61
N ILE C 187 8.87 17.83 32.71
CA ILE C 187 8.08 17.39 33.86
C ILE C 187 6.94 18.33 34.21
N GLU C 188 5.74 17.80 34.44
CA GLU C 188 4.59 18.64 34.78
C GLU C 188 4.61 19.00 36.25
N CYS C 189 4.52 20.30 36.54
CA CYS C 189 4.54 20.76 37.91
C CYS C 189 3.33 21.62 38.26
N GLU C 190 2.89 21.53 39.51
CA GLU C 190 1.74 22.30 39.96
C GLU C 190 2.01 23.22 41.14
N SER C 191 3.28 23.51 41.40
CA SER C 191 3.65 24.38 42.50
C SER C 191 5.09 24.81 42.34
N PHE C 192 5.40 26.01 42.85
CA PHE C 192 6.76 26.54 42.78
C PHE C 192 7.70 25.51 43.37
N GLU C 193 7.18 24.73 44.31
CA GLU C 193 7.94 23.69 44.96
C GLU C 193 8.36 22.60 43.98
N GLU C 194 7.39 21.96 43.33
CA GLU C 194 7.67 20.92 42.37
C GLU C 194 8.66 21.38 41.30
N ALA C 195 8.44 22.56 40.76
CA ALA C 195 9.31 23.13 39.74
C ALA C 195 10.73 23.35 40.22
N LYS C 196 10.88 23.70 41.49
CA LYS C 196 12.20 23.94 42.07
C LYS C 196 12.95 22.61 42.12
N ASN C 197 12.21 21.55 42.42
CA ASN C 197 12.76 20.21 42.52
C ASN C 197 13.05 19.69 41.12
N ALA C 198 11.98 19.47 40.37
CA ALA C 198 12.08 18.98 39.00
C ALA C 198 13.34 19.52 38.31
N MET C 199 13.64 20.80 38.49
CA MET C 199 14.79 21.41 37.85
C MET C 199 16.12 20.89 38.33
N ASN C 200 16.25 20.60 39.63
CA ASN C 200 17.52 20.08 40.12
C ASN C 200 17.68 18.65 39.61
N ALA C 201 16.60 17.89 39.63
CA ALA C 201 16.66 16.53 39.15
C ALA C 201 17.30 16.57 37.76
N GLY C 202 17.14 17.70 37.08
CA GLY C 202 17.72 17.88 35.77
C GLY C 202 16.74 17.89 34.61
N ALA C 203 15.49 18.25 34.86
CA ALA C 203 14.49 18.29 33.80
C ALA C 203 15.02 19.21 32.72
N ASP C 204 14.52 19.05 31.50
CA ASP C 204 14.97 19.88 30.39
C ASP C 204 13.89 20.88 30.03
N ILE C 205 12.70 20.69 30.59
CA ILE C 205 11.56 21.55 30.31
C ILE C 205 10.60 21.36 31.46
N VAL C 206 9.99 22.43 31.94
CA VAL C 206 9.06 22.29 33.05
C VAL C 206 7.68 22.85 32.74
N MET C 207 6.67 22.00 32.86
CA MET C 207 5.28 22.39 32.61
C MET C 207 4.71 23.05 33.86
N CYS C 208 4.21 24.27 33.70
CA CYS C 208 3.64 25.00 34.83
C CYS C 208 2.14 24.90 34.70
N ASP C 209 1.64 23.67 34.82
CA ASP C 209 0.22 23.33 34.71
C ASP C 209 -0.69 24.00 35.73
N ASN C 210 -1.70 24.72 35.23
CA ASN C 210 -2.70 25.42 36.04
C ASN C 210 -2.16 26.18 37.24
N LEU C 211 -1.49 27.29 36.98
CA LEU C 211 -0.95 28.11 38.05
C LEU C 211 -1.23 29.60 37.82
N SER C 212 -1.21 30.35 38.92
CA SER C 212 -1.45 31.79 38.88
C SER C 212 -0.36 32.48 38.08
N VAL C 213 -0.66 33.65 37.55
CA VAL C 213 0.35 34.37 36.80
C VAL C 213 1.48 34.76 37.74
N LEU C 214 1.19 34.70 39.04
CA LEU C 214 2.18 35.04 40.05
C LEU C 214 3.15 33.87 40.23
N GLU C 215 2.62 32.68 40.50
CA GLU C 215 3.45 31.51 40.69
C GLU C 215 4.33 31.34 39.46
N THR C 216 3.73 31.49 38.29
CA THR C 216 4.47 31.35 37.05
C THR C 216 5.66 32.33 37.06
N LYS C 217 5.40 33.57 37.45
CA LYS C 217 6.47 34.55 37.52
C LYS C 217 7.57 34.00 38.41
N GLU C 218 7.18 33.52 39.58
CA GLU C 218 8.12 32.97 40.55
C GLU C 218 9.09 31.97 39.94
N ILE C 219 8.52 30.98 39.26
CA ILE C 219 9.29 29.92 38.61
C ILE C 219 10.13 30.47 37.48
N ALA C 220 9.58 31.41 36.73
CA ALA C 220 10.31 32.00 35.62
C ALA C 220 11.56 32.67 36.16
N ALA C 221 11.45 33.23 37.35
CA ALA C 221 12.57 33.90 37.98
C ALA C 221 13.61 32.86 38.37
N TYR C 222 13.24 31.98 39.29
CA TYR C 222 14.12 30.92 39.78
C TYR C 222 14.83 30.31 38.60
N ARG C 223 14.14 30.31 37.46
CA ARG C 223 14.68 29.77 36.22
C ARG C 223 15.78 30.66 35.67
N ASP C 224 15.48 31.94 35.50
CA ASP C 224 16.44 32.90 35.00
C ASP C 224 17.63 33.02 35.94
N ALA C 225 17.41 32.59 37.18
CA ALA C 225 18.40 32.67 38.25
C ALA C 225 19.41 31.52 38.35
N HIS C 226 18.94 30.36 38.79
CA HIS C 226 19.79 29.19 38.98
C HIS C 226 19.84 28.20 37.81
N TYR C 227 18.78 28.16 37.01
CA TYR C 227 18.73 27.26 35.86
C TYR C 227 18.28 28.04 34.64
N PRO C 228 19.24 28.62 33.89
CA PRO C 228 19.03 29.41 32.68
C PRO C 228 18.60 28.66 31.43
N PHE C 229 19.28 27.56 31.14
CA PHE C 229 18.99 26.77 29.94
C PHE C 229 17.96 25.68 30.22
N VAL C 230 16.88 26.04 30.92
CA VAL C 230 15.86 25.07 31.26
C VAL C 230 14.63 25.00 30.36
N LEU C 231 14.02 26.13 30.01
CA LEU C 231 12.85 26.14 29.12
C LEU C 231 11.53 26.02 29.86
N LEU C 232 10.73 27.08 29.77
CA LEU C 232 9.45 27.11 30.47
C LEU C 232 8.22 27.17 29.57
N GLU C 233 7.23 26.40 29.96
CA GLU C 233 5.98 26.30 29.22
C GLU C 233 4.81 26.33 30.18
N ALA C 234 3.92 27.30 29.99
CA ALA C 234 2.75 27.42 30.85
C ALA C 234 1.58 26.76 30.16
N SER C 235 0.83 25.94 30.88
CA SER C 235 -0.29 25.28 30.24
C SER C 235 -1.49 25.12 31.16
N GLY C 236 -2.59 24.72 30.56
CA GLY C 236 -3.83 24.53 31.29
C GLY C 236 -4.94 25.13 30.47
N ASN C 237 -6.15 25.14 31.00
CA ASN C 237 -7.28 25.72 30.28
C ASN C 237 -6.96 27.21 30.09
N ILE C 238 -6.41 27.55 28.94
CA ILE C 238 -6.06 28.91 28.64
C ILE C 238 -6.88 29.38 27.46
N SER C 239 -7.35 30.62 27.53
CA SER C 239 -8.18 31.19 26.47
C SER C 239 -7.80 32.63 26.12
N LEU C 240 -8.22 33.07 24.94
CA LEU C 240 -7.94 34.42 24.44
C LEU C 240 -7.98 35.46 25.55
N GLU C 241 -8.97 35.32 26.44
CA GLU C 241 -9.17 36.23 27.55
C GLU C 241 -8.13 36.13 28.66
N SER C 242 -6.94 35.61 28.33
CA SER C 242 -5.87 35.44 29.33
C SER C 242 -4.49 35.12 28.75
N ILE C 243 -4.38 35.08 27.43
CA ILE C 243 -3.11 34.76 26.81
C ILE C 243 -2.09 35.85 27.05
N ASN C 244 -2.36 37.04 26.49
CA ASN C 244 -1.45 38.16 26.66
C ASN C 244 -1.01 38.23 28.12
N ALA C 245 -1.94 37.90 29.02
CA ALA C 245 -1.68 37.92 30.45
C ALA C 245 -0.49 37.05 30.85
N TYR C 246 -0.42 35.83 30.30
CA TYR C 246 0.67 34.93 30.60
C TYR C 246 1.92 35.17 29.80
N ALA C 247 1.77 35.67 28.59
CA ALA C 247 2.91 35.94 27.73
C ALA C 247 3.99 36.71 28.47
N LYS C 248 3.55 37.68 29.28
CA LYS C 248 4.48 38.52 30.03
C LYS C 248 4.76 37.96 31.42
N SER C 249 5.32 36.75 31.51
CA SER C 249 5.60 36.17 32.82
C SER C 249 6.95 35.48 32.85
N GLY C 250 7.67 35.56 31.74
CA GLY C 250 8.99 34.96 31.68
C GLY C 250 9.04 33.60 30.99
N VAL C 251 7.91 32.89 30.95
CA VAL C 251 7.86 31.58 30.34
C VAL C 251 8.27 31.69 28.88
N ASP C 252 8.88 30.63 28.34
CA ASP C 252 9.32 30.65 26.95
C ASP C 252 8.22 30.33 25.96
N ALA C 253 7.13 29.73 26.44
CA ALA C 253 6.04 29.34 25.56
C ALA C 253 4.76 29.06 26.31
N ILE C 254 3.65 29.42 25.70
CA ILE C 254 2.35 29.18 26.29
C ILE C 254 1.78 28.05 25.45
N SER C 255 1.22 27.05 26.12
CA SER C 255 0.66 25.87 25.46
C SER C 255 -0.85 25.80 25.51
N VAL C 256 -1.48 25.89 24.34
CA VAL C 256 -2.92 25.83 24.30
C VAL C 256 -3.42 24.88 23.23
N GLY C 257 -3.81 23.69 23.66
CA GLY C 257 -4.29 22.69 22.72
C GLY C 257 -5.66 22.99 22.17
N ALA C 258 -6.29 24.07 22.65
CA ALA C 258 -7.61 24.43 22.16
C ALA C 258 -7.49 24.82 20.71
N LEU C 259 -6.27 25.16 20.31
CA LEU C 259 -5.98 25.55 18.93
C LEU C 259 -6.51 24.56 17.91
N ILE C 260 -6.57 23.28 18.28
CA ILE C 260 -7.02 22.26 17.34
C ILE C 260 -8.32 21.57 17.73
N HIS C 261 -8.44 21.21 18.99
CA HIS C 261 -9.65 20.49 19.39
C HIS C 261 -10.83 21.42 19.58
N GLN C 262 -10.70 22.66 19.13
CA GLN C 262 -11.79 23.60 19.25
C GLN C 262 -12.01 24.33 17.95
N ALA C 263 -11.15 24.05 16.98
CA ALA C 263 -11.23 24.66 15.65
C ALA C 263 -12.34 24.02 14.82
N THR C 264 -12.86 24.76 13.86
CA THR C 264 -13.93 24.24 13.00
C THR C 264 -13.70 24.59 11.53
N PHE C 265 -14.57 24.08 10.69
CA PHE C 265 -14.49 24.31 9.25
C PHE C 265 -14.73 25.76 8.88
N ILE C 266 -13.95 26.27 7.93
CA ILE C 266 -14.18 27.62 7.45
C ILE C 266 -14.94 27.37 6.15
N ASP C 267 -16.10 27.99 5.99
CA ASP C 267 -16.89 27.79 4.78
C ASP C 267 -16.13 28.03 3.46
N MET C 268 -16.23 27.09 2.52
CA MET C 268 -15.59 27.18 1.19
C MET C 268 -16.45 26.39 0.20
N HIS C 269 -16.27 26.61 -1.09
CA HIS C 269 -17.03 25.84 -2.08
C HIS C 269 -16.33 25.82 -3.43
N MET C 270 -16.78 24.93 -4.31
CA MET C 270 -16.16 24.77 -5.63
C MET C 270 -17.12 25.10 -6.77
N LYS C 271 -16.67 25.97 -7.68
CA LYS C 271 -17.48 26.36 -8.83
C LYS C 271 -16.78 25.99 -10.14
N MET C 272 -17.59 25.72 -11.17
CA MET C 272 -17.08 25.29 -12.47
C MET C 272 -16.61 26.38 -13.44
N ALA C 273 -17.55 27.13 -14.00
CA ALA C 273 -17.27 28.23 -14.94
C ALA C 273 -16.82 27.79 -16.34
P NCN D . -29.57 -17.56 -9.24
O1P NCN D . -28.13 -17.31 -9.72
O2P NCN D . -30.66 -16.87 -10.13
O3P NCN D . -29.84 -19.09 -9.11
O5' NCN D . -29.71 -16.84 -7.71
C5' NCN D . -30.91 -16.15 -7.21
C4' NCN D . -30.89 -15.61 -5.73
O4' NCN D . -29.84 -14.67 -5.44
C3' NCN D . -32.21 -14.85 -5.19
O3' NCN D . -33.59 -15.46 -5.26
C2' NCN D . -31.78 -14.47 -3.77
O2' NCN D . -32.01 -15.52 -2.71
C1' NCN D . -30.30 -13.93 -4.18
N1 NCN D . -30.02 -12.42 -4.53
C6 NCN D . -30.67 -11.78 -5.70
C5 NCN D . -30.40 -10.38 -6.02
C4 NCN D . -29.50 -9.68 -5.20
C3 NCN D . -28.83 -10.26 -4.05
C2 NCN D . -29.11 -11.62 -3.72
C7 NCN D . -27.88 -9.35 -3.26
O7 NCN D . -26.87 -8.80 -3.92
O8 NCN D . -28.13 -9.20 -1.97
P NCN E . 27.27 -21.69 6.81
O1P NCN E . 28.10 -22.58 5.85
O2P NCN E . 27.94 -21.37 8.18
O3P NCN E . 26.86 -20.38 6.11
O5' NCN E . 25.89 -22.57 7.18
C5' NCN E . 25.64 -23.91 6.66
C4' NCN E . 24.23 -24.57 6.85
O4' NCN E . 23.14 -23.84 6.24
C3' NCN E . 24.03 -26.05 6.26
O3' NCN E . 24.95 -27.20 6.63
C2' NCN E . 22.57 -26.31 6.63
O2' NCN E . 22.37 -26.81 8.05
C1' NCN E . 22.00 -24.87 6.09
N1 NCN E . 21.49 -24.69 4.59
C6 NCN E . 22.41 -24.89 3.45
C5 NCN E . 21.92 -24.71 2.08
C4 NCN E . 20.56 -24.35 1.88
C3 NCN E . 19.61 -24.13 2.96
C2 NCN E . 20.09 -24.31 4.31
C7 NCN E . 18.17 -23.74 2.56
O7 NCN E . 17.97 -23.09 1.43
O8 NCN E . 17.22 -24.10 3.40
P NCN F . -6.18 22.46 26.81
O1P NCN F . -7.66 22.79 27.13
O2P NCN F . -5.98 21.75 25.44
O3P NCN F . -5.29 23.73 26.87
O5' NCN F . -5.66 21.34 27.99
C5' NCN F . -4.52 21.51 28.91
C4' NCN F . -3.72 20.21 29.38
O4' NCN F . -3.09 19.46 28.31
C3' NCN F . -2.47 20.39 30.41
O3' NCN F . -2.61 21.11 31.75
C2' NCN F . -2.00 18.94 30.57
O2' NCN F . -2.75 18.11 31.58
C1' NCN F . -2.01 18.58 28.99
N1 NCN F . -0.75 18.77 28.08
C6 NCN F . 0.01 20.03 28.09
C5 NCN F . 1.18 20.17 27.22
C4 NCN F . 1.57 19.07 26.40
C3 NCN F . 0.85 17.79 26.36
C2 NCN F . -0.29 17.67 27.21
C7 NCN F . 1.41 16.69 25.40
O7 NCN F . 2.16 17.06 24.36
O8 NCN F . 1.08 15.43 25.71
#